data_5YC9
#
_entry.id   5YC9
#
_cell.length_a   111.642
_cell.length_b   111.642
_cell.length_c   261.137
_cell.angle_alpha   90.00
_cell.angle_beta   90.00
_cell.angle_gamma   120.00
#
_symmetry.space_group_name_H-M   'P 65'
#
_entity_poly.entity_id   1
_entity_poly.type   'polypeptide(L)'
_entity_poly.pdbx_seq_one_letter_code
;MGSSHHHHHHSSGLVPRGSHMLTIGQLARIFEISTKTLRHYDAIGLFVPARTGSDNGYRYYQPEQIEQLSRILALRRLDV
PLEAIDRLKRDGALDDPQRLRHFLQRHQHTLREEISARQRLLAELDRTLATLAHWRIRNMHARIVERPAFSVVGMEYFGS
APGDTIGQLWERFIPREHEIAGKHDPEVSYGICAQQPNGEFHYVAGFEVQEGWPVPEGMVRFQVPAQKYAVFTHKGTAPQ
IAESFQAIYSHLLAERGLEPKAGVDFEYYDQRFRGPLDPNSQVDLYIPIYG
;
_entity_poly.pdbx_strand_id   A,B,C,D
#
# COMPACT_ATOMS: atom_id res chain seq x y z
N LEU A 22 -27.89 -29.27 18.78
CA LEU A 22 -27.95 -27.97 19.43
C LEU A 22 -29.24 -27.26 19.02
N THR A 23 -29.90 -26.65 20.01
CA THR A 23 -31.17 -25.97 19.78
C THR A 23 -30.99 -24.79 18.83
N ILE A 24 -32.13 -24.22 18.41
CA ILE A 24 -32.08 -23.13 17.44
C ILE A 24 -31.71 -21.81 18.11
N GLY A 25 -32.11 -21.60 19.37
CA GLY A 25 -31.85 -20.34 20.03
C GLY A 25 -30.41 -20.17 20.47
N GLN A 26 -29.78 -21.27 20.81
CA GLN A 26 -28.43 -21.26 21.32
C GLN A 26 -27.42 -21.54 20.25
N LEU A 27 -27.86 -22.18 19.19
CA LEU A 27 -26.98 -22.42 18.09
C LEU A 27 -26.77 -21.12 17.37
N ALA A 28 -26.67 -20.03 18.13
CA ALA A 28 -26.48 -18.68 17.62
C ALA A 28 -25.21 -18.15 18.20
N ARG A 29 -24.30 -19.08 18.19
CA ARG A 29 -22.99 -18.99 18.72
C ARG A 29 -22.52 -17.70 19.36
N ILE A 30 -21.81 -16.94 18.56
CA ILE A 30 -21.16 -15.74 18.96
C ILE A 30 -21.11 -14.89 17.69
N PHE A 31 -21.18 -13.57 17.80
CA PHE A 31 -21.40 -12.90 19.05
C PHE A 31 -22.50 -11.95 18.75
N GLU A 32 -22.71 -11.66 17.49
CA GLU A 32 -23.82 -10.86 17.18
C GLU A 32 -24.48 -11.94 16.36
N ILE A 33 -25.78 -12.12 16.58
CA ILE A 33 -26.64 -13.12 15.97
C ILE A 33 -26.72 -12.95 14.46
N SER A 34 -27.83 -13.10 13.74
CA SER A 34 -29.18 -13.29 14.17
C SER A 34 -29.60 -14.66 14.06
N THR A 35 -30.54 -14.96 14.94
CA THR A 35 -31.18 -16.25 15.05
C THR A 35 -31.80 -16.64 13.76
N LYS A 36 -32.96 -16.11 13.38
CA LYS A 36 -33.50 -16.56 12.09
C LYS A 36 -32.46 -16.53 11.02
N THR A 37 -31.24 -16.22 11.41
CA THR A 37 -30.11 -16.16 10.51
C THR A 37 -30.10 -17.37 9.65
N LEU A 38 -30.36 -18.47 10.33
CA LEU A 38 -30.35 -19.80 9.82
C LEU A 38 -31.68 -20.22 9.23
N ARG A 39 -32.77 -19.87 9.88
CA ARG A 39 -34.10 -20.19 9.35
C ARG A 39 -34.15 -19.60 7.96
N HIS A 40 -33.47 -18.49 7.81
CA HIS A 40 -33.33 -17.81 6.54
C HIS A 40 -32.75 -18.84 5.58
N TYR A 41 -31.70 -19.44 6.10
CA TYR A 41 -30.87 -20.42 5.47
C TYR A 41 -31.56 -21.76 5.34
N ASP A 42 -32.79 -21.70 4.86
CA ASP A 42 -33.57 -22.89 4.65
C ASP A 42 -34.08 -22.68 3.25
N ALA A 43 -35.35 -22.36 3.12
CA ALA A 43 -36.06 -22.14 1.86
C ALA A 43 -35.38 -22.66 0.62
N ILE A 44 -35.91 -23.77 0.14
CA ILE A 44 -35.40 -24.43 -1.06
C ILE A 44 -33.88 -24.69 -1.12
N GLY A 45 -33.06 -23.88 -0.41
CA GLY A 45 -31.61 -24.05 -0.35
C GLY A 45 -31.28 -24.88 0.87
N LEU A 46 -30.11 -24.76 1.51
CA LEU A 46 -28.98 -23.94 1.18
C LEU A 46 -27.89 -24.71 1.89
N TYR A 61 -26.53 -31.84 16.23
CA TYR A 61 -25.38 -31.03 16.52
C TYR A 61 -24.29 -31.59 15.70
N GLN A 62 -24.63 -31.96 14.46
CA GLN A 62 -23.67 -32.57 13.56
C GLN A 62 -22.44 -31.81 13.57
N PRO A 63 -21.33 -32.59 13.37
CA PRO A 63 -20.08 -31.87 13.47
C PRO A 63 -19.70 -31.24 12.19
N GLU A 64 -20.13 -31.77 11.06
CA GLU A 64 -19.75 -31.18 9.80
C GLU A 64 -20.68 -30.07 9.37
N GLN A 65 -21.69 -29.80 10.21
CA GLN A 65 -22.65 -28.74 9.97
C GLN A 65 -22.10 -27.55 10.71
N ILE A 66 -20.84 -27.22 10.47
CA ILE A 66 -20.21 -26.12 11.15
C ILE A 66 -19.14 -25.57 10.28
N GLU A 67 -18.16 -26.40 9.98
CA GLU A 67 -17.07 -25.93 9.15
C GLU A 67 -17.59 -25.26 7.89
N GLN A 68 -18.73 -25.70 7.37
CA GLN A 68 -19.44 -24.92 6.37
C GLN A 68 -19.68 -23.51 6.87
N LEU A 69 -20.23 -23.39 8.08
CA LEU A 69 -20.44 -22.08 8.68
C LEU A 69 -19.13 -21.39 9.03
N SER A 70 -18.11 -22.17 9.40
CA SER A 70 -16.83 -21.58 9.81
C SER A 70 -16.13 -20.90 8.64
N ARG A 71 -16.25 -21.55 7.50
CA ARG A 71 -15.63 -21.13 6.27
C ARG A 71 -16.38 -19.92 5.84
N ILE A 72 -17.68 -20.03 5.88
CA ILE A 72 -18.53 -18.94 5.58
C ILE A 72 -18.10 -17.71 6.42
N LEU A 73 -18.46 -17.73 7.69
CA LEU A 73 -18.19 -16.60 8.55
C LEU A 73 -17.09 -15.71 8.07
N ALA A 74 -16.42 -16.04 6.97
CA ALA A 74 -15.34 -15.15 6.55
C ALA A 74 -14.57 -15.39 5.26
N LEU A 75 -15.21 -15.44 4.09
CA LEU A 75 -16.64 -15.29 3.80
C LEU A 75 -17.05 -13.87 4.14
N ARG A 76 -17.78 -13.74 5.23
CA ARG A 76 -18.20 -12.50 5.80
C ARG A 76 -16.87 -11.91 6.15
N ARG A 77 -16.20 -11.51 5.09
CA ARG A 77 -14.88 -10.96 5.08
C ARG A 77 -14.56 -10.94 3.59
N LEU A 78 -15.29 -11.73 2.80
CA LEU A 78 -15.20 -11.60 1.34
C LEU A 78 -16.48 -11.00 0.75
N ASP A 79 -17.61 -11.23 1.42
CA ASP A 79 -18.93 -10.78 0.99
C ASP A 79 -19.33 -11.44 -0.33
N VAL A 80 -19.73 -12.68 -0.22
CA VAL A 80 -20.17 -13.45 -1.33
C VAL A 80 -21.64 -13.55 -1.19
N PRO A 81 -22.39 -13.40 -2.34
CA PRO A 81 -23.83 -13.56 -2.16
C PRO A 81 -24.09 -14.94 -1.67
N LEU A 82 -25.29 -15.22 -1.25
CA LEU A 82 -25.57 -16.55 -0.77
C LEU A 82 -25.84 -17.41 -1.95
N GLU A 83 -26.64 -16.91 -2.87
CA GLU A 83 -26.94 -17.75 -4.03
C GLU A 83 -25.66 -18.33 -4.64
N ALA A 84 -24.54 -17.61 -4.52
CA ALA A 84 -23.27 -18.16 -4.95
C ALA A 84 -22.73 -19.21 -3.97
N ILE A 85 -23.14 -19.00 -2.73
CA ILE A 85 -22.75 -19.81 -1.61
C ILE A 85 -23.68 -21.00 -1.48
N ASP A 86 -24.48 -21.20 -2.51
CA ASP A 86 -25.32 -22.37 -2.62
C ASP A 86 -24.68 -23.04 -3.78
N ARG A 87 -24.42 -22.32 -4.85
CA ARG A 87 -23.76 -22.90 -6.01
C ARG A 87 -22.52 -23.60 -5.52
N LEU A 88 -21.95 -22.98 -4.52
CA LEU A 88 -20.80 -23.61 -3.87
C LEU A 88 -21.20 -24.82 -3.03
N LYS A 89 -22.40 -25.36 -3.21
CA LYS A 89 -22.81 -26.58 -2.50
C LYS A 89 -22.25 -27.80 -3.22
N ARG A 90 -22.88 -28.95 -3.03
CA ARG A 90 -22.35 -30.22 -3.51
C ARG A 90 -22.61 -30.38 -5.00
N ASP A 91 -21.81 -29.66 -5.80
CA ASP A 91 -21.86 -29.88 -7.26
C ASP A 91 -20.59 -29.53 -8.04
N GLY A 92 -19.37 -29.45 -7.49
CA GLY A 92 -19.02 -29.45 -6.08
C GLY A 92 -18.94 -28.01 -5.60
N ALA A 93 -18.49 -27.82 -4.37
CA ALA A 93 -18.08 -28.90 -3.50
C ALA A 93 -18.76 -28.82 -2.14
N LEU A 94 -18.61 -29.88 -1.34
CA LEU A 94 -19.07 -29.85 0.04
C LEU A 94 -18.10 -29.06 0.91
N ASP A 95 -16.87 -29.58 1.05
CA ASP A 95 -15.83 -28.90 1.81
C ASP A 95 -14.63 -28.62 0.92
N ASP A 96 -13.84 -29.66 0.57
CA ASP A 96 -12.68 -29.60 -0.31
C ASP A 96 -11.85 -28.34 -0.10
N PRO A 97 -11.37 -28.22 1.09
CA PRO A 97 -10.52 -27.09 1.37
C PRO A 97 -9.40 -27.12 0.38
N GLN A 98 -9.40 -28.10 -0.52
CA GLN A 98 -8.38 -28.30 -1.48
C GLN A 98 -8.49 -27.14 -2.40
N ARG A 99 -9.59 -27.12 -3.12
CA ARG A 99 -9.83 -26.04 -4.06
C ARG A 99 -9.56 -24.66 -3.42
N LEU A 100 -10.52 -24.18 -2.65
CA LEU A 100 -10.47 -22.92 -1.95
C LEU A 100 -9.12 -22.30 -1.57
N ARG A 101 -8.03 -23.02 -1.38
CA ARG A 101 -6.74 -22.39 -1.11
C ARG A 101 -6.27 -21.58 -2.32
N HIS A 102 -6.40 -22.17 -3.51
CA HIS A 102 -6.13 -21.43 -4.74
C HIS A 102 -7.25 -20.43 -5.04
N PHE A 103 -8.48 -20.73 -4.63
CA PHE A 103 -9.60 -19.85 -4.94
C PHE A 103 -9.47 -18.51 -4.22
N LEU A 104 -9.24 -18.53 -2.91
CA LEU A 104 -9.30 -17.28 -2.16
C LEU A 104 -8.05 -16.43 -2.29
N GLN A 105 -7.11 -16.88 -3.09
CA GLN A 105 -5.92 -16.10 -3.42
C GLN A 105 -6.02 -15.81 -4.90
N ARG A 106 -6.94 -16.46 -5.63
CA ARG A 106 -7.15 -16.09 -7.01
C ARG A 106 -7.84 -14.77 -6.79
N HIS A 107 -8.84 -14.75 -5.91
CA HIS A 107 -9.50 -13.50 -5.53
C HIS A 107 -8.39 -12.56 -5.12
N GLN A 108 -7.72 -12.87 -4.03
CA GLN A 108 -6.63 -11.98 -3.66
C GLN A 108 -5.97 -11.38 -4.89
N HIS A 109 -5.87 -12.16 -5.97
CA HIS A 109 -5.44 -11.61 -7.24
C HIS A 109 -6.39 -10.52 -7.72
N THR A 110 -7.70 -10.75 -7.61
CA THR A 110 -8.66 -9.72 -8.01
C THR A 110 -8.63 -8.53 -7.07
N LEU A 111 -8.70 -8.80 -5.75
CA LEU A 111 -8.83 -7.70 -4.80
C LEU A 111 -7.56 -6.88 -4.69
N ARG A 112 -6.39 -7.48 -4.94
CA ARG A 112 -5.18 -6.68 -5.01
C ARG A 112 -5.01 -6.00 -6.36
N GLU A 113 -5.61 -6.54 -7.43
CA GLU A 113 -5.72 -5.78 -8.66
C GLU A 113 -6.66 -4.59 -8.48
N GLU A 114 -7.68 -4.74 -7.63
CA GLU A 114 -8.49 -3.60 -7.24
C GLU A 114 -7.67 -2.58 -6.46
N ILE A 115 -6.84 -3.06 -5.53
CA ILE A 115 -5.94 -2.17 -4.80
C ILE A 115 -4.92 -1.55 -5.75
N SER A 116 -4.41 -2.35 -6.70
CA SER A 116 -3.44 -1.83 -7.65
C SER A 116 -4.03 -0.76 -8.55
N ALA A 117 -5.29 -0.95 -8.97
CA ALA A 117 -5.92 0.03 -9.85
C ALA A 117 -6.19 1.35 -9.12
N ARG A 118 -6.62 1.26 -7.86
CA ARG A 118 -6.88 2.47 -7.09
C ARG A 118 -5.62 3.13 -6.59
N GLN A 119 -4.50 2.41 -6.53
CA GLN A 119 -3.23 3.04 -6.15
C GLN A 119 -2.60 3.78 -7.32
N ARG A 120 -2.69 3.22 -8.53
CA ARG A 120 -2.29 3.99 -9.70
C ARG A 120 -3.25 5.15 -9.95
N LEU A 121 -4.50 5.05 -9.48
CA LEU A 121 -5.36 6.22 -9.42
C LEU A 121 -4.86 7.21 -8.38
N LEU A 122 -4.35 6.71 -7.25
CA LEU A 122 -3.81 7.59 -6.23
C LEU A 122 -2.51 8.23 -6.70
N ALA A 123 -1.62 7.44 -7.31
CA ALA A 123 -0.40 8.00 -7.87
C ALA A 123 -0.70 9.04 -8.94
N GLU A 124 -1.73 8.80 -9.76
CA GLU A 124 -2.21 9.86 -10.66
C GLU A 124 -2.58 11.10 -9.86
N LEU A 125 -3.34 10.92 -8.78
CA LEU A 125 -3.81 12.04 -8.00
C LEU A 125 -2.66 12.90 -7.48
N ASP A 126 -1.66 12.27 -6.87
CA ASP A 126 -0.53 13.00 -6.31
C ASP A 126 0.20 13.83 -7.36
N ARG A 127 0.11 13.46 -8.63
CA ARG A 127 0.67 14.30 -9.69
C ARG A 127 -0.34 15.34 -10.17
N THR A 128 -1.62 14.98 -10.21
CA THR A 128 -2.64 15.97 -10.55
C THR A 128 -2.68 17.08 -9.51
N LEU A 129 -2.40 16.76 -8.25
CA LEU A 129 -2.27 17.76 -7.20
C LEU A 129 -0.90 18.45 -7.22
N ALA A 130 -0.38 18.69 -8.42
CA ALA A 130 0.82 19.50 -8.60
C ALA A 130 0.50 20.67 -9.53
N THR A 131 -0.42 20.41 -10.41
CA THR A 131 -0.92 21.43 -11.26
C THR A 131 -1.66 22.37 -10.40
N LEU A 132 -1.77 22.11 -9.11
CA LEU A 132 -2.51 22.93 -8.25
C LEU A 132 -1.66 24.04 -7.75
N ALA A 133 -0.49 23.68 -7.30
CA ALA A 133 0.40 24.63 -6.75
C ALA A 133 0.83 25.74 -7.65
N HIS A 134 0.88 25.49 -8.92
CA HIS A 134 1.46 26.47 -9.84
C HIS A 134 0.40 27.27 -10.57
N TRP A 135 -0.86 26.88 -10.46
CA TRP A 135 -2.00 27.73 -10.80
C TRP A 135 -2.44 28.53 -9.58
N ARG A 136 -2.31 27.92 -8.39
CA ARG A 136 -2.32 28.59 -7.11
C ARG A 136 -1.59 29.92 -7.15
N ILE A 137 -0.40 29.90 -7.73
CA ILE A 137 0.55 31.01 -7.64
C ILE A 137 0.39 32.00 -8.78
N ARG A 138 0.13 31.52 -10.00
CA ARG A 138 0.05 32.40 -11.16
C ARG A 138 -1.10 33.39 -11.07
N ASN A 139 -2.09 33.10 -10.22
CA ASN A 139 -3.24 33.97 -9.99
C ASN A 139 -3.05 34.83 -8.75
N MET A 140 -2.09 34.52 -7.89
CA MET A 140 -1.83 35.33 -6.72
C MET A 140 -1.31 36.71 -7.12
N HIS A 141 -2.22 37.66 -7.29
CA HIS A 141 -1.82 39.00 -7.72
C HIS A 141 -1.32 39.83 -6.53
N ALA A 142 -0.67 40.94 -6.85
CA ALA A 142 -0.09 41.85 -5.87
C ALA A 142 -0.82 43.18 -5.90
N ARG A 143 -1.06 43.76 -4.78
CA ARG A 143 -1.69 44.99 -4.72
C ARG A 143 -0.79 45.81 -3.92
N ILE A 144 -0.62 47.04 -4.33
CA ILE A 144 0.27 47.93 -3.70
C ILE A 144 -0.41 48.69 -2.63
N VAL A 145 0.03 48.54 -1.40
CA VAL A 145 -0.53 49.20 -0.26
C VAL A 145 0.51 49.95 0.49
N GLU A 146 0.26 51.21 0.82
CA GLU A 146 1.01 52.10 1.70
C GLU A 146 0.25 52.23 3.01
N ARG A 147 0.92 51.93 4.13
CA ARG A 147 0.27 52.06 5.43
C ARG A 147 1.25 52.71 6.41
N PRO A 148 0.79 53.67 7.20
CA PRO A 148 1.70 54.39 8.11
C PRO A 148 2.20 53.53 9.26
N ALA A 149 2.99 54.14 10.14
CA ALA A 149 3.53 53.42 11.29
C ALA A 149 2.42 53.16 12.31
N PHE A 150 2.40 51.93 12.84
CA PHE A 150 1.43 51.56 13.86
C PHE A 150 2.14 50.72 14.92
N SER A 151 1.43 50.42 16.00
CA SER A 151 2.00 49.72 17.14
C SER A 151 1.21 48.45 17.42
N VAL A 152 1.93 47.32 17.42
CA VAL A 152 1.37 46.03 17.78
C VAL A 152 1.84 45.69 19.19
N VAL A 153 1.04 44.89 19.89
CA VAL A 153 1.48 44.26 21.14
C VAL A 153 1.13 42.78 21.09
N GLY A 154 2.10 41.94 21.40
CA GLY A 154 1.87 40.51 21.41
C GLY A 154 3.07 39.78 21.98
N MET A 155 3.17 38.49 21.67
CA MET A 155 4.28 37.68 22.17
C MET A 155 5.40 37.60 21.14
N GLU A 156 6.63 37.53 21.64
CA GLU A 156 7.82 37.68 20.83
C GLU A 156 8.70 36.44 20.91
N TYR A 157 9.18 36.00 19.75
CA TYR A 157 10.19 34.95 19.69
C TYR A 157 11.57 35.60 19.63
N ASP A 164 11.23 27.61 19.19
CA ASP A 164 11.90 26.81 18.17
C ASP A 164 11.11 26.84 16.86
N THR A 165 9.81 27.02 16.98
CA THR A 165 8.92 27.18 15.86
C THR A 165 8.19 28.51 16.02
N ILE A 166 7.50 28.91 14.97
CA ILE A 166 6.75 30.15 14.97
C ILE A 166 5.26 29.82 15.09
N GLY A 167 4.95 28.53 15.09
CA GLY A 167 3.59 28.11 15.18
C GLY A 167 3.27 28.12 16.62
N GLN A 168 4.16 27.53 17.40
CA GLN A 168 3.98 27.43 18.83
C GLN A 168 3.34 28.64 19.46
N LEU A 169 3.91 29.82 19.19
CA LEU A 169 3.43 31.08 19.71
C LEU A 169 2.02 31.19 19.46
N TRP A 170 1.57 30.57 18.40
CA TRP A 170 0.19 30.62 18.07
C TRP A 170 -0.51 29.67 18.99
N GLU A 171 0.06 28.50 19.20
CA GLU A 171 -0.43 27.50 20.16
C GLU A 171 -0.55 28.09 21.56
N ARG A 172 0.34 29.01 21.89
CA ARG A 172 0.49 29.52 23.25
C ARG A 172 -0.23 30.84 23.47
N PHE A 173 -0.49 31.60 22.41
CA PHE A 173 -0.92 32.98 22.52
C PHE A 173 -2.43 33.17 22.51
N ILE A 174 -3.16 32.34 21.78
CA ILE A 174 -4.57 32.60 21.50
C ILE A 174 -5.48 32.30 22.69
N PRO A 175 -5.01 31.70 23.79
CA PRO A 175 -5.73 31.91 25.06
C PRO A 175 -5.55 33.32 25.61
N ARG A 176 -4.53 34.05 25.17
CA ARG A 176 -4.27 35.41 25.64
C ARG A 176 -4.73 36.46 24.62
N GLU A 177 -5.87 36.23 23.96
CA GLU A 177 -6.40 37.14 22.96
C GLU A 177 -6.90 38.45 23.56
N HIS A 178 -8.05 38.37 24.23
CA HIS A 178 -8.75 39.53 24.76
C HIS A 178 -8.08 40.09 26.01
N GLU A 179 -6.87 39.62 26.34
CA GLU A 179 -6.04 40.19 27.40
C GLU A 179 -5.46 41.51 27.01
N ILE A 180 -5.86 42.01 25.85
CA ILE A 180 -5.28 43.22 25.24
C ILE A 180 -6.41 44.20 24.96
N ALA A 181 -6.25 45.43 25.42
CA ALA A 181 -7.23 46.48 25.21
C ALA A 181 -6.69 47.52 24.23
N GLY A 182 -7.60 48.35 23.73
CA GLY A 182 -7.25 49.32 22.71
C GLY A 182 -7.25 48.79 21.30
N LYS A 183 -8.01 47.73 21.04
CA LYS A 183 -7.98 47.10 19.72
C LYS A 183 -8.68 47.95 18.69
N HIS A 184 -8.05 48.06 17.51
CA HIS A 184 -8.72 48.62 16.34
C HIS A 184 -9.73 47.59 15.84
N ASP A 185 -9.23 46.48 15.33
CA ASP A 185 -10.10 45.46 14.89
C ASP A 185 -9.60 44.25 15.57
N PRO A 186 -10.50 43.55 16.36
CA PRO A 186 -9.96 42.39 17.06
C PRO A 186 -9.79 41.12 16.25
N GLU A 187 -10.41 41.04 15.12
CA GLU A 187 -10.33 39.88 14.29
C GLU A 187 -9.03 39.73 13.55
N VAL A 188 -8.43 40.87 13.23
CA VAL A 188 -7.17 40.81 12.49
C VAL A 188 -6.01 40.62 13.45
N SER A 189 -4.96 39.96 13.02
CA SER A 189 -3.79 39.73 13.82
C SER A 189 -2.63 39.70 12.91
N TYR A 190 -1.42 40.03 13.34
CA TYR A 190 -0.28 40.09 12.44
C TYR A 190 0.81 39.19 12.82
N GLY A 191 1.58 38.71 11.89
CA GLY A 191 2.68 37.85 12.18
C GLY A 191 3.93 38.55 11.82
N ILE A 192 4.29 39.54 12.62
CA ILE A 192 5.39 40.46 12.38
C ILE A 192 6.71 39.70 12.29
N CYS A 193 7.54 40.07 11.31
CA CYS A 193 8.89 39.55 11.18
C CYS A 193 9.79 40.69 10.73
N ALA A 194 10.74 41.07 11.57
CA ALA A 194 11.66 42.15 11.29
C ALA A 194 13.03 41.59 10.91
N GLN A 195 13.70 42.26 9.99
CA GLN A 195 15.01 41.83 9.50
C GLN A 195 16.09 42.53 10.32
N GLN A 196 16.73 41.78 11.23
CA GLN A 196 17.81 42.33 12.01
C GLN A 196 19.13 42.24 11.24
N PRO A 197 20.01 43.22 11.41
CA PRO A 197 21.34 43.16 10.76
C PRO A 197 22.30 42.25 11.51
N ASN A 198 22.02 40.95 11.46
CA ASN A 198 22.88 39.94 12.08
C ASN A 198 23.43 38.94 11.07
N GLY A 199 22.60 38.30 10.24
CA GLY A 199 21.15 38.40 10.24
C GLY A 199 20.53 37.12 10.76
N GLU A 200 19.48 37.24 11.54
CA GLU A 200 18.83 36.09 12.06
C GLU A 200 17.39 36.45 12.34
N PHE A 201 16.55 35.43 12.48
CA PHE A 201 15.12 35.58 12.65
C PHE A 201 14.55 36.57 13.63
N HIS A 202 13.23 36.48 13.80
CA HIS A 202 12.45 37.30 14.72
C HIS A 202 11.01 37.36 14.29
N TYR A 203 10.09 37.21 15.21
CA TYR A 203 8.73 37.20 14.88
C TYR A 203 7.99 37.56 16.08
N VAL A 204 6.84 38.15 15.92
CA VAL A 204 5.93 38.55 16.98
C VAL A 204 4.50 38.31 16.52
N ALA A 205 3.74 37.56 17.30
CA ALA A 205 2.32 37.35 17.06
C ALA A 205 1.55 38.35 17.91
N GLY A 206 0.94 39.35 17.27
CA GLY A 206 0.28 40.40 18.01
C GLY A 206 -0.90 40.99 17.27
N PHE A 207 -1.44 42.05 17.86
CA PHE A 207 -2.60 42.75 17.35
C PHE A 207 -2.31 44.25 17.31
N GLU A 208 -2.89 44.93 16.32
CA GLU A 208 -2.74 46.39 16.23
C GLU A 208 -3.60 47.05 17.31
N VAL A 209 -2.97 47.82 18.17
CA VAL A 209 -3.67 48.43 19.24
C VAL A 209 -3.39 49.86 19.38
N GLN A 210 -4.29 50.60 19.98
CA GLN A 210 -4.09 51.99 20.24
C GLN A 210 -2.87 52.06 21.04
N GLU A 211 -2.03 53.02 20.80
CA GLU A 211 -0.79 53.10 21.51
C GLU A 211 -1.11 53.83 22.70
N GLY A 212 -0.70 53.30 23.82
CA GLY A 212 -0.92 53.96 25.06
C GLY A 212 -1.64 53.13 26.05
N TRP A 213 -1.66 51.83 25.86
CA TRP A 213 -2.36 50.97 26.76
C TRP A 213 -1.39 50.04 27.31
N PRO A 214 -1.72 49.53 28.54
CA PRO A 214 -0.72 48.67 29.13
C PRO A 214 -0.55 47.32 28.52
N VAL A 215 0.68 46.93 28.44
CA VAL A 215 0.96 45.64 27.81
C VAL A 215 1.03 44.58 28.91
N PRO A 216 0.44 43.41 28.71
CA PRO A 216 0.46 42.38 29.76
C PRO A 216 1.84 41.75 29.89
N GLU A 217 2.00 40.97 30.95
CA GLU A 217 3.27 40.32 31.23
C GLU A 217 3.57 39.27 30.18
N GLY A 218 4.85 39.16 29.81
CA GLY A 218 5.28 38.24 28.78
C GLY A 218 5.07 38.71 27.36
N MET A 219 4.35 39.82 27.15
CA MET A 219 4.12 40.37 25.83
C MET A 219 5.14 41.46 25.54
N VAL A 220 5.07 42.03 24.34
CA VAL A 220 6.02 43.06 23.93
C VAL A 220 5.34 44.01 22.97
N ARG A 221 5.76 45.28 23.03
CA ARG A 221 5.29 46.31 22.13
C ARG A 221 6.24 46.42 20.95
N PHE A 222 5.74 46.13 19.75
CA PHE A 222 6.49 46.33 18.52
C PHE A 222 5.86 47.48 17.74
N GLN A 223 6.69 48.38 17.24
CA GLN A 223 6.23 49.53 16.46
C GLN A 223 6.64 49.30 15.01
N VAL A 224 5.68 48.87 14.20
CA VAL A 224 5.88 48.67 12.77
C VAL A 224 5.99 50.04 12.12
N PRO A 225 7.06 50.34 11.38
CA PRO A 225 7.20 51.66 10.77
C PRO A 225 6.29 51.82 9.56
N ALA A 226 6.24 53.06 9.07
CA ALA A 226 5.50 53.35 7.86
C ALA A 226 6.21 52.76 6.66
N GLN A 227 5.56 51.80 5.99
CA GLN A 227 6.12 51.18 4.80
C GLN A 227 5.06 51.16 3.72
N LYS A 228 5.48 50.75 2.52
CA LYS A 228 4.57 50.51 1.41
C LYS A 228 4.83 49.10 0.91
N TYR A 229 3.75 48.33 0.72
CA TYR A 229 3.85 46.88 0.62
C TYR A 229 3.24 46.37 -0.67
N ALA A 230 3.76 45.24 -1.13
CA ALA A 230 3.09 44.40 -2.11
C ALA A 230 2.36 43.30 -1.33
N VAL A 231 1.05 43.20 -1.51
CA VAL A 231 0.22 42.32 -0.70
C VAL A 231 -0.25 41.16 -1.56
N PHE A 232 0.05 39.94 -1.10
CA PHE A 232 -0.26 38.71 -1.81
C PHE A 232 -1.31 37.97 -1.01
N THR A 233 -2.39 37.51 -1.63
CA THR A 233 -3.35 36.71 -0.90
C THR A 233 -2.96 35.24 -1.01
N HIS A 234 -2.61 34.61 0.10
CA HIS A 234 -2.20 33.25 0.20
C HIS A 234 -3.42 32.51 0.55
N LYS A 235 -3.61 31.40 -0.13
CA LYS A 235 -4.74 30.48 -0.02
C LYS A 235 -4.16 29.12 0.15
N GLY A 236 -3.99 28.77 1.39
CA GLY A 236 -3.42 27.49 1.75
C GLY A 236 -3.10 27.45 3.24
N THR A 237 -2.21 26.53 3.59
CA THR A 237 -1.81 26.33 4.97
C THR A 237 -0.47 27.01 5.26
N ALA A 238 -0.14 27.10 6.55
CA ALA A 238 1.02 27.87 6.96
C ALA A 238 2.35 27.30 6.49
N PRO A 239 2.61 25.98 6.52
CA PRO A 239 3.91 25.50 6.02
C PRO A 239 4.14 25.75 4.54
N GLN A 240 3.07 25.90 3.73
CA GLN A 240 3.23 26.28 2.34
C GLN A 240 3.01 27.77 2.13
N ILE A 241 2.95 28.56 3.21
CA ILE A 241 3.17 29.99 3.08
C ILE A 241 4.59 30.25 2.59
N ALA A 242 5.54 29.42 3.04
CA ALA A 242 6.93 29.60 2.66
C ALA A 242 7.13 29.42 1.16
N GLU A 243 6.53 28.39 0.58
CA GLU A 243 6.69 28.17 -0.86
C GLU A 243 6.00 29.26 -1.66
N SER A 244 5.08 30.03 -1.05
CA SER A 244 4.63 31.26 -1.67
C SER A 244 5.70 32.34 -1.57
N PHE A 245 6.38 32.41 -0.41
CA PHE A 245 7.48 33.36 -0.25
C PHE A 245 8.57 33.12 -1.30
N GLN A 246 8.83 31.86 -1.64
CA GLN A 246 9.82 31.57 -2.67
C GLN A 246 9.36 32.06 -4.04
N ALA A 247 8.06 31.99 -4.33
CA ALA A 247 7.56 32.49 -5.59
C ALA A 247 7.62 34.01 -5.67
N ILE A 248 7.52 34.68 -4.52
CA ILE A 248 7.51 36.14 -4.48
C ILE A 248 8.88 36.68 -4.81
N TYR A 249 9.88 36.27 -4.05
CA TYR A 249 11.22 36.78 -4.16
C TYR A 249 12.00 36.14 -5.31
N SER A 250 11.36 35.28 -6.11
CA SER A 250 12.01 34.72 -7.29
C SER A 250 11.56 35.41 -8.57
N HIS A 251 10.25 35.50 -8.81
CA HIS A 251 9.75 36.16 -10.01
C HIS A 251 8.55 37.05 -9.79
N LEU A 252 7.62 36.73 -8.87
CA LEU A 252 6.36 37.45 -8.79
C LEU A 252 6.53 38.94 -8.53
N LEU A 253 7.66 39.37 -7.97
CA LEU A 253 7.93 40.79 -7.86
C LEU A 253 8.56 41.36 -9.12
N ALA A 254 9.33 40.54 -9.84
CA ALA A 254 10.06 41.01 -11.02
C ALA A 254 9.18 41.13 -12.25
N GLU A 255 8.05 40.41 -12.30
CA GLU A 255 7.14 40.54 -13.44
C GLU A 255 6.34 41.83 -13.41
N ARG A 256 6.27 42.50 -12.25
CA ARG A 256 5.61 43.79 -12.13
C ARG A 256 6.59 44.91 -11.81
N GLY A 257 7.89 44.64 -11.84
CA GLY A 257 8.88 45.68 -11.64
C GLY A 257 8.98 46.19 -10.22
N LEU A 258 8.78 45.36 -9.22
CA LEU A 258 8.88 45.83 -7.86
C LEU A 258 10.08 45.27 -7.25
N GLU A 259 10.67 46.00 -6.35
CA GLU A 259 11.90 45.63 -5.77
C GLU A 259 11.65 45.39 -4.39
N PRO A 260 12.25 44.28 -3.87
CA PRO A 260 11.96 44.01 -2.50
C PRO A 260 12.73 44.90 -1.59
N LYS A 261 12.31 45.02 -0.34
CA LYS A 261 12.93 45.92 0.63
C LYS A 261 13.18 45.16 1.93
N ALA A 262 14.37 45.31 2.49
CA ALA A 262 14.73 44.68 3.75
C ALA A 262 14.09 45.46 4.89
N GLY A 263 12.80 45.20 5.09
CA GLY A 263 12.02 45.88 6.12
C GLY A 263 11.35 44.87 7.03
N VAL A 264 10.10 45.14 7.36
CA VAL A 264 9.33 44.32 8.29
C VAL A 264 8.25 43.60 7.51
N ASP A 265 8.44 42.30 7.32
CA ASP A 265 7.47 41.42 6.71
C ASP A 265 6.46 40.96 7.75
N PHE A 266 5.20 40.82 7.34
CA PHE A 266 4.21 40.20 8.21
C PHE A 266 3.04 39.70 7.36
N GLU A 267 2.26 38.80 7.96
CA GLU A 267 1.12 38.17 7.31
C GLU A 267 -0.16 38.61 7.99
N TYR A 268 -1.14 39.01 7.17
CA TYR A 268 -2.36 39.67 7.63
C TYR A 268 -3.44 38.60 7.81
N TYR A 269 -3.69 38.21 9.06
CA TYR A 269 -4.76 37.27 9.38
C TYR A 269 -6.05 38.03 9.62
N ASP A 270 -7.17 37.37 9.36
CA ASP A 270 -8.45 38.07 9.42
C ASP A 270 -9.58 37.05 9.42
N GLN A 271 -10.76 37.49 9.00
CA GLN A 271 -11.96 36.64 9.09
C GLN A 271 -11.96 35.53 8.05
N ARG A 272 -11.28 35.75 6.92
CA ARG A 272 -11.07 34.72 5.91
C ARG A 272 -9.96 33.74 6.28
N PHE A 273 -9.88 33.37 7.56
CA PHE A 273 -8.84 32.49 8.08
C PHE A 273 -9.49 31.53 9.06
N ARG A 274 -9.35 30.22 8.80
CA ARG A 274 -10.06 29.22 9.58
C ARG A 274 -9.17 28.08 10.07
N GLY A 275 -7.84 28.24 10.02
CA GLY A 275 -6.96 27.21 10.52
C GLY A 275 -5.59 27.22 9.87
N PRO A 276 -4.55 26.90 10.65
CA PRO A 276 -3.20 26.87 10.09
C PRO A 276 -2.98 25.74 9.11
N LEU A 277 -3.65 24.60 9.27
CA LEU A 277 -3.52 23.47 8.36
C LEU A 277 -4.81 23.15 7.63
N ASP A 278 -5.84 23.96 7.78
CA ASP A 278 -7.01 23.86 6.91
C ASP A 278 -6.62 24.37 5.54
N PRO A 279 -6.63 23.55 4.50
CA PRO A 279 -6.18 24.01 3.18
C PRO A 279 -7.19 24.91 2.49
N ASN A 280 -7.95 25.66 3.28
CA ASN A 280 -8.91 26.62 2.75
C ASN A 280 -8.76 28.00 3.36
N SER A 281 -7.88 28.17 4.35
CA SER A 281 -7.61 29.49 4.91
C SER A 281 -6.96 30.38 3.85
N GLN A 282 -7.15 31.68 4.00
CA GLN A 282 -6.51 32.64 3.09
C GLN A 282 -6.04 33.86 3.86
N VAL A 283 -4.75 34.15 3.77
CA VAL A 283 -4.12 35.24 4.48
C VAL A 283 -3.62 36.26 3.46
N ASP A 284 -3.09 37.38 3.94
CA ASP A 284 -2.56 38.37 3.07
C ASP A 284 -1.17 38.48 3.57
N LEU A 285 -0.20 38.47 2.68
CA LEU A 285 1.17 38.59 3.06
C LEU A 285 1.65 39.92 2.61
N TYR A 286 1.90 40.80 3.56
CA TYR A 286 2.36 42.13 3.35
C TYR A 286 3.84 42.12 3.27
N ILE A 287 4.37 42.43 2.12
CA ILE A 287 5.79 42.33 1.81
C ILE A 287 6.29 43.71 1.40
N PRO A 288 7.30 44.26 2.07
CA PRO A 288 7.73 45.64 1.78
C PRO A 288 8.46 45.75 0.46
N ILE A 289 8.27 46.89 -0.20
CA ILE A 289 8.90 47.20 -1.47
C ILE A 289 9.35 48.65 -1.47
N TYR A 290 10.07 49.03 -2.52
CA TYR A 290 10.50 50.41 -2.71
C TYR A 290 9.44 51.18 -3.49
N MET B 21 18.06 41.18 -5.61
CA MET B 21 19.15 40.66 -4.78
C MET B 21 18.73 40.66 -3.31
N LEU B 22 18.95 39.54 -2.63
CA LEU B 22 18.44 39.31 -1.29
C LEU B 22 19.57 39.00 -0.32
N THR B 23 19.20 38.83 0.95
CA THR B 23 20.14 38.61 2.03
C THR B 23 19.88 37.28 2.72
N ILE B 24 20.78 36.92 3.63
CA ILE B 24 20.74 35.61 4.26
C ILE B 24 19.56 35.46 5.22
N GLY B 25 19.04 36.56 5.76
CA GLY B 25 17.89 36.49 6.63
C GLY B 25 16.57 36.38 5.88
N GLN B 26 16.49 36.99 4.70
CA GLN B 26 15.29 36.87 3.89
C GLN B 26 15.11 35.45 3.35
N LEU B 27 16.22 34.82 2.96
CA LEU B 27 16.16 33.42 2.55
C LEU B 27 15.72 32.52 3.68
N ALA B 28 16.10 32.86 4.92
CA ALA B 28 15.66 32.09 6.08
C ALA B 28 14.15 32.21 6.28
N ARG B 29 13.61 33.42 6.10
CA ARG B 29 12.16 33.59 6.12
C ARG B 29 11.50 32.87 4.95
N ILE B 30 12.21 32.78 3.82
CA ILE B 30 11.65 32.16 2.62
C ILE B 30 11.57 30.65 2.78
N PHE B 31 12.59 30.04 3.39
CA PHE B 31 12.72 28.59 3.42
C PHE B 31 12.46 27.97 4.79
N GLU B 32 12.21 28.79 5.82
CA GLU B 32 11.96 28.30 7.18
C GLU B 32 13.13 27.46 7.68
N ILE B 33 14.30 28.08 7.58
CA ILE B 33 15.59 27.54 7.99
C ILE B 33 16.45 28.49 8.87
N SER B 34 17.63 28.04 9.28
CA SER B 34 18.62 28.69 10.17
C SER B 34 19.64 29.46 9.42
N THR B 35 20.17 30.56 9.92
CA THR B 35 21.21 31.25 9.19
C THR B 35 22.45 30.43 9.29
N LYS B 36 22.59 29.64 10.35
CA LYS B 36 23.78 28.80 10.37
C LYS B 36 23.72 27.71 9.31
N THR B 37 22.51 27.27 8.95
CA THR B 37 22.36 26.24 7.92
C THR B 37 23.03 26.66 6.62
N LEU B 38 22.76 27.89 6.17
CA LEU B 38 23.39 28.39 4.95
C LEU B 38 24.85 28.76 5.20
N ARG B 39 25.14 29.39 6.35
CA ARG B 39 26.52 29.69 6.71
C ARG B 39 27.37 28.42 6.68
N HIS B 40 26.75 27.27 6.99
CA HIS B 40 27.42 26.00 6.77
C HIS B 40 27.46 25.63 5.29
N TYR B 41 26.35 25.87 4.57
CA TYR B 41 26.29 25.53 3.15
C TYR B 41 27.33 26.29 2.35
N ASP B 42 27.72 27.49 2.80
CA ASP B 42 28.78 28.23 2.14
C ASP B 42 30.13 27.56 2.32
N ALA B 43 30.38 27.02 3.52
CA ALA B 43 31.72 26.51 3.85
C ALA B 43 32.11 25.35 2.94
N ILE B 44 31.17 24.46 2.61
CA ILE B 44 31.48 23.31 1.78
C ILE B 44 31.82 23.74 0.35
N GLY B 45 31.19 24.81 -0.12
CA GLY B 45 31.15 25.09 -1.54
C GLY B 45 29.86 24.67 -2.18
N LEU B 46 28.83 24.39 -1.38
CA LEU B 46 27.55 23.93 -1.89
C LEU B 46 26.74 25.11 -2.43
N PHE B 47 26.22 25.85 -1.50
CA PHE B 47 25.42 26.98 -1.81
C PHE B 47 26.11 28.22 -1.29
N VAL B 48 27.00 28.78 -2.08
CA VAL B 48 27.68 29.97 -1.71
C VAL B 48 26.77 31.02 -2.26
N PRO B 49 27.15 32.34 -2.10
CA PRO B 49 26.24 33.30 -2.62
C PRO B 49 26.77 33.89 -3.92
N GLY B 57 31.72 40.45 3.80
CA GLY B 57 30.71 40.45 4.85
C GLY B 57 29.31 40.69 4.33
N TYR B 58 29.21 41.39 3.19
CA TYR B 58 27.93 41.70 2.57
C TYR B 58 27.45 40.45 1.83
N ARG B 59 26.77 39.58 2.56
CA ARG B 59 26.30 38.31 2.02
C ARG B 59 25.02 38.54 1.21
N TYR B 60 25.14 38.44 -0.11
CA TYR B 60 24.03 38.79 -1.00
C TYR B 60 23.80 37.66 -1.99
N TYR B 61 22.57 37.19 -1.98
CA TYR B 61 22.15 36.10 -2.81
C TYR B 61 21.21 36.56 -3.86
N GLN B 62 21.30 35.88 -4.99
CA GLN B 62 20.55 36.07 -6.19
C GLN B 62 19.24 35.39 -6.11
N PRO B 63 18.18 36.14 -6.56
CA PRO B 63 16.89 35.49 -6.48
C PRO B 63 16.69 34.39 -7.43
N GLU B 64 17.50 34.27 -8.45
CA GLU B 64 17.39 33.19 -9.43
C GLU B 64 17.86 31.85 -8.85
N GLN B 65 18.72 31.87 -7.84
CA GLN B 65 19.19 30.65 -7.18
C GLN B 65 18.31 30.27 -5.99
N ILE B 66 17.08 30.68 -5.95
CA ILE B 66 16.22 30.30 -4.88
C ILE B 66 15.69 28.95 -5.21
N GLU B 67 15.64 28.58 -6.48
CA GLU B 67 15.07 27.30 -6.83
C GLU B 67 16.13 26.32 -6.82
N GLN B 68 17.32 26.71 -7.12
CA GLN B 68 18.41 25.79 -7.09
C GLN B 68 18.72 25.40 -5.70
N LEU B 69 18.08 26.01 -4.74
CA LEU B 69 18.30 25.71 -3.36
C LEU B 69 17.13 24.89 -3.07
N SER B 70 15.95 25.38 -3.24
CA SER B 70 14.82 24.50 -2.95
C SER B 70 14.94 23.15 -3.64
N ARG B 71 15.90 23.04 -4.51
CA ARG B 71 16.19 21.81 -5.14
C ARG B 71 17.29 21.19 -4.31
N ILE B 72 17.18 21.35 -3.01
CA ILE B 72 18.10 20.83 -2.06
C ILE B 72 17.13 20.60 -0.96
N LEU B 73 16.73 21.65 -0.30
CA LEU B 73 15.77 21.51 0.75
C LEU B 73 14.57 20.67 0.33
N ALA B 74 14.59 20.06 -0.89
CA ALA B 74 13.61 19.05 -1.25
C ALA B 74 14.20 17.66 -1.23
N LEU B 75 15.51 17.54 -1.05
CA LEU B 75 16.20 16.26 -1.03
C LEU B 75 16.60 15.80 0.36
N ARG B 76 16.85 16.73 1.29
CA ARG B 76 17.02 16.34 2.68
C ARG B 76 15.70 15.85 3.27
N ARG B 77 14.65 16.41 2.72
CA ARG B 77 13.37 15.95 3.06
C ARG B 77 13.22 14.58 2.45
N LEU B 78 14.25 14.08 1.79
CA LEU B 78 14.26 12.77 1.21
C LEU B 78 15.63 12.24 1.64
N ASP B 79 15.83 12.35 2.93
CA ASP B 79 16.99 11.99 3.66
C ASP B 79 18.25 11.72 2.85
N VAL B 80 18.36 12.24 1.65
CA VAL B 80 19.54 11.92 0.83
C VAL B 80 20.74 12.68 1.38
N PRO B 81 21.87 12.01 1.62
CA PRO B 81 23.00 12.67 2.29
C PRO B 81 23.51 13.89 1.52
N LEU B 82 24.17 14.78 2.26
CA LEU B 82 24.46 16.13 1.79
C LEU B 82 25.87 16.27 1.21
N GLU B 83 26.41 15.20 0.60
CA GLU B 83 27.56 15.33 -0.28
C GLU B 83 27.45 14.50 -1.54
N ALA B 84 26.59 13.47 -1.57
CA ALA B 84 26.13 12.94 -2.85
C ALA B 84 25.43 14.02 -3.65
N ILE B 85 24.85 15.00 -2.99
CA ILE B 85 24.26 16.07 -3.71
C ILE B 85 25.54 16.60 -4.24
N ASP B 86 26.21 17.47 -3.52
CA ASP B 86 27.50 18.02 -3.90
C ASP B 86 28.43 17.19 -4.79
N ARG B 87 28.00 16.01 -5.18
CA ARG B 87 28.73 15.22 -6.13
C ARG B 87 27.90 15.26 -7.40
N LEU B 88 26.61 15.57 -7.28
CA LEU B 88 25.73 15.68 -8.36
C LEU B 88 26.02 16.99 -8.97
N LYS B 89 26.24 17.98 -8.14
CA LYS B 89 26.40 19.36 -8.60
C LYS B 89 27.41 19.49 -9.73
N ARG B 90 28.13 18.42 -9.97
CA ARG B 90 29.09 18.43 -11.03
C ARG B 90 29.24 17.19 -11.87
N ASP B 91 28.37 16.22 -11.73
CA ASP B 91 28.42 15.06 -12.60
C ASP B 91 27.38 15.44 -13.64
N GLY B 92 26.21 15.80 -13.13
CA GLY B 92 25.10 16.27 -13.90
C GLY B 92 25.09 17.54 -13.11
N ALA B 93 24.00 17.97 -12.55
CA ALA B 93 22.78 17.31 -12.64
C ALA B 93 21.88 18.10 -11.83
N LEU B 94 22.41 18.75 -10.84
CA LEU B 94 21.61 19.58 -9.97
C LEU B 94 21.00 20.68 -10.79
N ASP B 95 21.67 20.97 -11.91
CA ASP B 95 21.29 21.94 -12.90
C ASP B 95 21.26 21.23 -14.26
N ASP B 96 20.20 20.50 -14.52
CA ASP B 96 20.02 19.79 -15.73
C ASP B 96 18.76 19.30 -15.21
N PRO B 97 17.60 19.60 -15.88
CA PRO B 97 16.39 19.14 -15.27
C PRO B 97 15.93 17.84 -15.78
N GLN B 98 16.60 17.30 -16.78
CA GLN B 98 16.14 16.08 -17.36
C GLN B 98 16.90 14.99 -16.71
N ARG B 99 17.92 15.42 -16.04
CA ARG B 99 18.74 14.47 -15.28
C ARG B 99 18.26 14.30 -13.85
N LEU B 100 17.64 15.33 -13.27
CA LEU B 100 17.23 15.27 -11.87
C LEU B 100 15.89 14.57 -11.66
N ARG B 101 15.24 14.12 -12.73
CA ARG B 101 14.09 13.24 -12.59
C ARG B 101 14.46 11.78 -12.78
N HIS B 102 15.50 11.49 -13.57
CA HIS B 102 16.06 10.15 -13.60
C HIS B 102 16.58 9.74 -12.23
N PHE B 103 17.25 10.66 -11.53
CA PHE B 103 17.82 10.34 -10.23
C PHE B 103 16.74 10.06 -9.20
N LEU B 104 15.66 10.85 -9.21
CA LEU B 104 14.58 10.65 -8.25
C LEU B 104 13.53 9.65 -8.71
N GLN B 105 13.44 9.36 -10.02
CA GLN B 105 12.59 8.26 -10.45
C GLN B 105 13.23 6.91 -10.12
N ARG B 106 14.56 6.87 -10.04
CA ARG B 106 15.22 5.69 -9.50
C ARG B 106 15.01 5.61 -8.00
N HIS B 107 15.17 6.72 -7.29
CA HIS B 107 14.80 6.78 -5.88
C HIS B 107 13.31 6.55 -5.69
N GLN B 108 12.50 6.97 -6.66
CA GLN B 108 11.09 6.62 -6.67
C GLN B 108 10.89 5.12 -6.59
N HIS B 109 11.35 4.40 -7.62
CA HIS B 109 11.16 2.96 -7.69
C HIS B 109 11.90 2.23 -6.57
N THR B 110 13.01 2.80 -6.09
CA THR B 110 13.66 2.24 -4.90
C THR B 110 12.71 2.22 -3.71
N LEU B 111 11.98 3.33 -3.52
CA LEU B 111 11.09 3.43 -2.36
C LEU B 111 9.89 2.50 -2.49
N ARG B 112 9.35 2.36 -3.70
CA ARG B 112 8.22 1.45 -3.88
C ARG B 112 8.63 0.01 -3.67
N GLU B 113 9.82 -0.37 -4.12
CA GLU B 113 10.29 -1.73 -3.90
C GLU B 113 10.64 -1.97 -2.44
N GLU B 114 11.11 -0.92 -1.74
CA GLU B 114 11.17 -0.98 -0.28
C GLU B 114 9.78 -1.19 0.29
N ILE B 115 8.82 -0.39 -0.15
CA ILE B 115 7.43 -0.59 0.25
C ILE B 115 6.93 -1.94 -0.25
N SER B 116 7.30 -2.32 -1.48
CA SER B 116 6.83 -3.60 -2.04
C SER B 116 7.41 -4.79 -1.29
N ALA B 117 8.65 -4.68 -0.83
CA ALA B 117 9.19 -5.71 0.05
C ALA B 117 8.35 -5.80 1.31
N ARG B 118 8.20 -4.67 2.01
CA ARG B 118 7.57 -4.66 3.32
C ARG B 118 6.05 -4.83 3.29
N GLN B 119 5.40 -4.69 2.12
CA GLN B 119 3.99 -5.08 2.05
C GLN B 119 3.84 -6.58 1.90
N ARG B 120 4.78 -7.22 1.19
CA ARG B 120 4.84 -8.68 1.22
C ARG B 120 5.36 -9.18 2.56
N LEU B 121 6.17 -8.37 3.23
CA LEU B 121 6.48 -8.62 4.64
C LEU B 121 5.21 -8.64 5.46
N LEU B 122 4.24 -7.78 5.13
CA LEU B 122 2.98 -7.73 5.85
C LEU B 122 2.07 -8.90 5.49
N ALA B 123 2.12 -9.36 4.23
CA ALA B 123 1.26 -10.46 3.82
C ALA B 123 1.64 -11.76 4.53
N GLU B 124 2.93 -11.99 4.61
CA GLU B 124 3.40 -13.13 5.32
C GLU B 124 3.52 -12.77 6.75
N LEU B 125 3.08 -11.60 7.15
CA LEU B 125 3.12 -11.24 8.55
C LEU B 125 1.80 -11.63 9.16
N ASP B 126 0.80 -11.84 8.33
CA ASP B 126 -0.49 -12.22 8.80
C ASP B 126 -0.59 -13.72 8.74
N ARG B 127 -0.11 -14.36 7.66
CA ARG B 127 -0.22 -15.81 7.58
C ARG B 127 0.50 -16.49 8.73
N THR B 128 1.27 -15.71 9.48
CA THR B 128 1.95 -16.19 10.63
C THR B 128 1.29 -15.61 11.84
N LEU B 129 -0.02 -15.44 11.81
CA LEU B 129 -0.74 -14.90 12.95
C LEU B 129 -1.96 -15.75 13.06
N ALA B 130 -2.01 -16.73 12.19
CA ALA B 130 -3.03 -17.78 12.10
C ALA B 130 -2.48 -19.15 12.44
N THR B 131 -1.23 -19.44 12.08
CA THR B 131 -0.63 -20.71 12.47
C THR B 131 -0.17 -20.70 13.93
N LEU B 132 0.28 -19.56 14.46
CA LEU B 132 0.41 -19.46 15.91
C LEU B 132 -0.93 -19.28 16.59
N ALA B 133 -1.96 -18.94 15.84
CA ALA B 133 -3.30 -19.05 16.39
C ALA B 133 -3.56 -20.53 16.64
N HIS B 134 -3.71 -21.30 15.56
CA HIS B 134 -4.08 -22.70 15.68
C HIS B 134 -2.92 -23.59 16.12
N TRP B 135 -2.18 -23.26 17.14
CA TRP B 135 -1.19 -24.20 17.40
C TRP B 135 -1.61 -24.71 18.66
N ARG B 136 -1.58 -23.86 19.67
CA ARG B 136 -2.04 -24.33 20.94
C ARG B 136 -3.51 -24.80 20.84
N ILE B 137 -4.45 -23.95 20.42
CA ILE B 137 -5.82 -24.46 20.34
C ILE B 137 -5.81 -25.98 20.28
N ARG B 138 -4.81 -26.57 19.60
CA ARG B 138 -4.73 -28.03 19.62
C ARG B 138 -4.06 -28.54 20.89
N ASN B 139 -3.16 -27.70 21.37
CA ASN B 139 -2.47 -27.98 22.57
C ASN B 139 -3.19 -27.47 23.79
N MET B 140 -4.46 -27.16 23.61
CA MET B 140 -5.24 -26.68 24.73
C MET B 140 -5.47 -27.84 25.65
N HIS B 141 -5.22 -27.62 26.93
CA HIS B 141 -5.37 -28.65 27.94
C HIS B 141 -6.81 -28.90 28.33
N ALA B 142 -7.11 -30.06 28.92
CA ALA B 142 -8.50 -30.29 29.28
C ALA B 142 -8.58 -31.13 30.54
N ARG B 143 -9.39 -30.69 31.49
CA ARG B 143 -9.81 -31.47 32.65
C ARG B 143 -11.26 -31.88 32.48
N ILE B 144 -11.69 -32.78 33.35
CA ILE B 144 -13.10 -33.16 33.45
C ILE B 144 -13.54 -32.93 34.89
N VAL B 145 -14.53 -32.06 35.07
CA VAL B 145 -15.05 -31.72 36.39
C VAL B 145 -16.56 -31.84 36.37
N GLU B 146 -17.10 -32.60 37.32
CA GLU B 146 -18.53 -32.63 37.57
C GLU B 146 -18.81 -31.81 38.82
N ARG B 147 -19.59 -30.76 38.66
CA ARG B 147 -19.79 -29.77 39.70
C ARG B 147 -21.28 -29.66 40.03
N PRO B 148 -21.64 -29.63 41.32
CA PRO B 148 -23.06 -29.54 41.68
C PRO B 148 -23.68 -28.19 41.31
N ALA B 149 -24.98 -28.06 41.57
CA ALA B 149 -25.66 -26.81 41.28
C ALA B 149 -25.25 -25.72 42.27
N PHE B 150 -25.06 -24.51 41.75
CA PHE B 150 -24.65 -23.39 42.58
C PHE B 150 -25.31 -22.10 42.11
N SER B 151 -25.26 -21.09 42.97
CA SER B 151 -25.88 -19.79 42.73
C SER B 151 -24.79 -18.73 42.61
N VAL B 152 -25.00 -17.79 41.70
CA VAL B 152 -24.01 -16.75 41.40
C VAL B 152 -24.76 -15.45 41.15
N VAL B 153 -24.48 -14.43 41.95
CA VAL B 153 -25.12 -13.14 41.83
C VAL B 153 -24.21 -12.24 41.00
N GLY B 154 -24.82 -11.30 40.27
CA GLY B 154 -24.03 -10.41 39.43
C GLY B 154 -24.91 -9.54 38.55
N MET B 155 -24.26 -8.84 37.65
CA MET B 155 -24.94 -8.03 36.65
C MET B 155 -24.97 -8.77 35.30
N GLU B 156 -25.85 -8.29 34.42
CA GLU B 156 -26.17 -9.01 33.19
C GLU B 156 -26.27 -8.03 32.03
N TYR B 157 -26.64 -8.57 30.87
CA TYR B 157 -26.91 -7.75 29.70
C TYR B 157 -28.42 -7.51 29.56
N ASP B 164 -20.85 -3.91 22.81
CA ASP B 164 -21.35 -4.75 23.90
C ASP B 164 -20.55 -6.07 23.96
N THR B 165 -19.59 -6.14 24.89
CA THR B 165 -18.64 -7.26 24.99
C THR B 165 -17.97 -7.23 26.37
N ILE B 166 -16.90 -8.01 26.53
CA ILE B 166 -16.18 -8.10 27.80
C ILE B 166 -15.41 -6.79 28.03
N GLY B 167 -15.77 -6.09 29.10
CA GLY B 167 -15.42 -4.69 29.29
C GLY B 167 -16.62 -3.77 29.23
N GLN B 168 -17.66 -4.15 28.47
CA GLN B 168 -18.94 -3.48 28.54
C GLN B 168 -19.71 -3.83 29.80
N LEU B 169 -19.20 -4.75 30.61
CA LEU B 169 -19.90 -5.23 31.79
C LEU B 169 -18.96 -5.52 32.94
N TRP B 170 -17.69 -5.53 32.66
CA TRP B 170 -16.72 -5.81 33.66
C TRP B 170 -16.05 -4.61 34.33
N GLU B 171 -16.44 -3.42 33.92
CA GLU B 171 -15.92 -2.20 34.54
C GLU B 171 -17.06 -1.72 35.37
N ARG B 172 -18.26 -1.84 34.86
CA ARG B 172 -19.43 -1.51 35.60
C ARG B 172 -19.62 -2.62 36.65
N PHE B 173 -18.53 -3.23 37.09
CA PHE B 173 -18.61 -4.30 38.07
C PHE B 173 -17.53 -4.07 39.08
N ILE B 174 -16.29 -4.13 38.66
CA ILE B 174 -15.14 -3.97 39.52
C ILE B 174 -15.29 -2.97 40.67
N PRO B 175 -15.90 -1.82 40.44
CA PRO B 175 -16.25 -0.94 41.55
C PRO B 175 -17.46 -1.39 42.36
N ARG B 176 -18.11 -2.49 41.96
CA ARG B 176 -19.27 -3.02 42.68
C ARG B 176 -19.07 -4.49 43.07
N GLU B 177 -17.83 -4.86 43.38
CA GLU B 177 -17.50 -6.23 43.77
C GLU B 177 -17.13 -6.35 45.24
N HIS B 178 -17.03 -5.25 45.94
CA HIS B 178 -16.73 -5.33 47.33
C HIS B 178 -17.94 -4.95 48.12
N GLU B 179 -19.07 -4.89 47.45
CA GLU B 179 -20.32 -4.55 48.04
C GLU B 179 -21.21 -5.75 47.90
N ILE B 180 -20.62 -6.91 47.69
CA ILE B 180 -21.33 -8.13 47.48
C ILE B 180 -20.95 -8.96 48.65
N ALA B 181 -21.96 -9.49 49.33
CA ALA B 181 -21.71 -10.29 50.51
C ALA B 181 -22.13 -11.74 50.29
N GLY B 182 -21.46 -12.65 50.99
CA GLY B 182 -21.76 -14.06 50.93
C GLY B 182 -20.93 -14.86 49.94
N LYS B 183 -19.83 -14.28 49.56
CA LYS B 183 -18.96 -14.80 48.58
C LYS B 183 -18.18 -15.95 49.04
N HIS B 184 -18.20 -17.01 48.27
CA HIS B 184 -17.51 -18.24 48.53
C HIS B 184 -16.04 -18.09 48.38
N ASP B 185 -15.61 -17.66 47.21
CA ASP B 185 -14.21 -17.38 46.89
C ASP B 185 -14.34 -16.13 46.13
N PRO B 186 -13.55 -15.11 46.62
CA PRO B 186 -13.65 -13.87 45.87
C PRO B 186 -12.61 -13.74 44.77
N GLU B 187 -11.62 -14.60 44.76
CA GLU B 187 -10.62 -14.55 43.70
C GLU B 187 -11.01 -15.41 42.49
N VAL B 188 -12.27 -15.81 42.39
CA VAL B 188 -12.79 -16.42 41.17
C VAL B 188 -14.04 -15.67 40.74
N SER B 189 -14.16 -15.45 39.44
CA SER B 189 -15.31 -14.75 38.86
C SER B 189 -15.89 -15.59 37.75
N TYR B 190 -17.20 -15.45 37.54
CA TYR B 190 -17.95 -16.29 36.61
C TYR B 190 -18.55 -15.43 35.51
N GLY B 191 -18.36 -15.86 34.27
CA GLY B 191 -19.01 -15.24 33.13
C GLY B 191 -19.96 -16.20 32.46
N ILE B 192 -21.23 -16.15 32.83
CA ILE B 192 -22.21 -17.13 32.39
C ILE B 192 -22.63 -16.84 30.97
N CYS B 193 -22.65 -17.88 30.13
CA CYS B 193 -23.18 -17.78 28.77
C CYS B 193 -24.54 -18.47 28.73
N ALA B 194 -25.58 -17.71 28.42
CA ALA B 194 -26.93 -18.26 28.35
C ALA B 194 -27.78 -17.52 27.32
N ASN B 198 -36.22 -17.86 24.04
CA ASN B 198 -36.13 -17.17 22.75
C ASN B 198 -34.81 -17.52 22.07
N GLY B 199 -33.70 -17.04 22.63
CA GLY B 199 -32.39 -17.39 22.09
C GLY B 199 -31.33 -16.32 22.16
N GLU B 200 -31.60 -15.23 22.86
CA GLU B 200 -30.57 -14.20 23.00
C GLU B 200 -29.60 -14.56 24.11
N PHE B 201 -28.55 -13.76 24.24
CA PHE B 201 -27.54 -13.97 25.26
C PHE B 201 -28.04 -13.49 26.62
N HIS B 202 -27.57 -14.15 27.66
CA HIS B 202 -27.84 -13.77 29.04
C HIS B 202 -26.54 -13.79 29.83
N TYR B 203 -25.55 -13.06 29.34
CA TYR B 203 -24.23 -13.07 29.95
C TYR B 203 -24.26 -12.38 31.31
N VAL B 204 -23.80 -13.10 32.34
CA VAL B 204 -23.84 -12.63 33.72
C VAL B 204 -22.42 -12.66 34.27
N ALA B 205 -21.94 -11.50 34.71
CA ALA B 205 -20.67 -11.39 35.42
C ALA B 205 -20.96 -11.39 36.92
N GLY B 206 -20.48 -12.42 37.63
CA GLY B 206 -20.87 -12.56 39.01
C GLY B 206 -19.94 -13.42 39.85
N PHE B 207 -20.35 -13.62 41.11
CA PHE B 207 -19.55 -14.23 42.17
C PHE B 207 -20.31 -15.37 42.83
N GLU B 208 -19.66 -16.54 42.95
CA GLU B 208 -20.27 -17.64 43.67
C GLU B 208 -20.68 -17.21 45.07
N VAL B 209 -21.90 -17.58 45.48
CA VAL B 209 -22.46 -17.12 46.74
C VAL B 209 -22.97 -18.28 47.58
N GLN B 210 -23.09 -18.00 48.86
CA GLN B 210 -23.67 -18.90 49.79
C GLN B 210 -25.00 -18.29 49.90
N GLU B 211 -26.05 -19.06 49.79
CA GLU B 211 -27.39 -18.52 49.87
C GLU B 211 -27.83 -18.06 51.24
N GLY B 212 -28.78 -17.17 51.27
CA GLY B 212 -29.33 -16.63 52.48
C GLY B 212 -28.87 -15.24 52.69
N TRP B 213 -28.16 -14.69 51.73
CA TRP B 213 -27.69 -13.34 51.79
C TRP B 213 -28.40 -12.77 50.65
N PRO B 214 -28.60 -11.40 50.64
CA PRO B 214 -29.41 -10.91 49.54
C PRO B 214 -28.67 -10.21 48.42
N VAL B 215 -29.33 -10.06 47.27
CA VAL B 215 -28.70 -9.49 46.11
C VAL B 215 -29.09 -8.07 45.84
N PRO B 216 -28.12 -7.22 45.61
CA PRO B 216 -28.47 -5.81 45.44
C PRO B 216 -29.22 -5.53 44.16
N GLU B 217 -29.42 -4.24 43.86
CA GLU B 217 -30.04 -3.80 42.62
C GLU B 217 -29.04 -3.02 41.79
N GLY B 218 -29.09 -3.25 40.52
CA GLY B 218 -30.09 -4.17 40.02
C GLY B 218 -29.37 -5.41 39.63
N MET B 219 -28.81 -6.08 40.62
CA MET B 219 -28.08 -7.30 40.43
C MET B 219 -29.10 -8.37 40.31
N VAL B 220 -28.68 -9.50 39.79
CA VAL B 220 -29.57 -10.61 39.65
C VAL B 220 -28.79 -11.79 40.12
N ARG B 221 -29.47 -12.91 40.28
CA ARG B 221 -28.83 -14.16 40.62
C ARG B 221 -29.28 -15.26 39.65
N PHE B 222 -28.33 -16.07 39.22
CA PHE B 222 -28.51 -17.17 38.28
C PHE B 222 -28.27 -18.53 38.87
N GLN B 223 -29.17 -19.47 38.61
CA GLN B 223 -29.14 -20.87 39.02
C GLN B 223 -28.31 -21.67 38.02
N VAL B 224 -27.07 -22.03 38.33
CA VAL B 224 -26.28 -22.81 37.38
C VAL B 224 -26.43 -24.19 37.84
N PRO B 225 -26.97 -25.14 36.98
CA PRO B 225 -27.14 -26.46 37.55
C PRO B 225 -26.04 -27.43 37.67
N ALA B 226 -26.43 -28.55 38.22
CA ALA B 226 -25.44 -29.60 38.45
C ALA B 226 -25.20 -30.33 37.14
N GLN B 227 -23.97 -30.26 36.62
CA GLN B 227 -23.69 -30.78 35.29
C GLN B 227 -22.22 -31.18 35.22
N LYS B 228 -21.82 -31.73 34.07
CA LYS B 228 -20.48 -32.27 33.80
C LYS B 228 -19.86 -31.42 32.79
N TYR B 229 -18.63 -31.03 33.01
CA TYR B 229 -17.95 -30.15 32.13
C TYR B 229 -16.62 -30.54 31.55
N ALA B 230 -16.33 -29.95 30.41
CA ALA B 230 -15.07 -30.13 29.77
C ALA B 230 -14.39 -28.82 29.99
N VAL B 231 -13.42 -28.68 30.85
CA VAL B 231 -12.89 -27.36 31.08
C VAL B 231 -11.70 -27.19 30.26
N PHE B 232 -11.63 -26.14 29.48
CA PHE B 232 -10.51 -25.92 28.63
C PHE B 232 -9.77 -24.70 29.04
N THR B 233 -8.49 -24.85 29.32
CA THR B 233 -7.69 -23.73 29.71
C THR B 233 -7.23 -22.86 28.53
N HIS B 234 -7.67 -21.61 28.52
CA HIS B 234 -7.31 -20.69 27.48
C HIS B 234 -6.27 -19.76 27.94
N LYS B 235 -5.33 -19.49 27.07
CA LYS B 235 -4.18 -18.64 27.37
C LYS B 235 -4.16 -17.54 26.33
N GLY B 236 -4.76 -16.39 26.65
CA GLY B 236 -4.82 -15.28 25.73
C GLY B 236 -5.63 -14.11 26.22
N THR B 237 -6.38 -13.49 25.32
CA THR B 237 -7.17 -12.29 25.62
C THR B 237 -8.65 -12.57 25.40
N ALA B 238 -9.48 -11.61 25.79
CA ALA B 238 -10.93 -11.74 25.74
C ALA B 238 -11.48 -11.80 24.33
N PRO B 239 -11.01 -10.97 23.38
CA PRO B 239 -11.52 -11.10 22.01
C PRO B 239 -11.22 -12.45 21.35
N GLN B 240 -10.12 -13.10 21.73
CA GLN B 240 -9.67 -14.30 21.02
C GLN B 240 -10.02 -15.59 21.75
N ILE B 241 -10.93 -15.54 22.74
CA ILE B 241 -11.52 -16.77 23.26
C ILE B 241 -12.75 -17.19 22.47
N ALA B 242 -13.32 -16.27 21.71
CA ALA B 242 -14.53 -16.61 21.01
C ALA B 242 -14.27 -17.44 19.78
N GLU B 243 -13.00 -17.71 19.58
CA GLU B 243 -12.45 -18.56 18.56
C GLU B 243 -11.95 -19.79 19.28
N SER B 244 -11.74 -19.69 20.59
CA SER B 244 -11.41 -20.81 21.43
C SER B 244 -12.73 -21.51 21.69
N PHE B 245 -13.82 -20.79 21.62
CA PHE B 245 -15.11 -21.31 21.82
C PHE B 245 -15.61 -22.04 20.62
N GLN B 246 -15.53 -21.47 19.42
CA GLN B 246 -16.04 -22.26 18.30
C GLN B 246 -15.10 -23.38 17.91
N ALA B 247 -13.83 -23.31 18.32
CA ALA B 247 -12.91 -24.42 18.06
C ALA B 247 -13.36 -25.69 18.79
N ILE B 248 -13.75 -25.59 20.04
CA ILE B 248 -14.16 -26.81 20.73
C ILE B 248 -15.32 -27.40 20.03
N TYR B 249 -16.43 -26.73 20.10
CA TYR B 249 -17.62 -27.17 19.46
C TYR B 249 -17.47 -27.46 17.99
N SER B 250 -16.27 -27.33 17.48
CA SER B 250 -16.02 -27.51 16.09
C SER B 250 -15.51 -28.84 15.74
N HIS B 251 -14.47 -29.21 16.43
CA HIS B 251 -13.81 -30.46 16.21
C HIS B 251 -13.05 -30.88 17.42
N LEU B 252 -13.09 -30.07 18.45
CA LEU B 252 -12.32 -30.28 19.64
C LEU B 252 -12.93 -31.24 20.61
N LEU B 253 -14.26 -31.23 20.65
CA LEU B 253 -14.95 -32.17 21.46
C LEU B 253 -14.64 -33.46 20.78
N ALA B 254 -15.30 -33.81 19.70
CA ALA B 254 -15.01 -35.03 18.96
C ALA B 254 -13.63 -35.59 19.03
N GLU B 255 -12.64 -34.85 18.65
CA GLU B 255 -11.28 -35.38 18.70
C GLU B 255 -10.91 -35.80 20.11
N ARG B 256 -11.34 -35.05 21.12
CA ARG B 256 -11.15 -35.49 22.50
C ARG B 256 -12.06 -36.65 22.85
N GLY B 257 -13.17 -36.81 22.12
CA GLY B 257 -14.03 -37.96 22.30
C GLY B 257 -15.24 -37.76 23.20
N LEU B 258 -15.69 -36.53 23.39
CA LEU B 258 -16.83 -36.26 24.27
C LEU B 258 -17.93 -35.55 23.49
N GLU B 259 -19.13 -35.54 24.09
CA GLU B 259 -20.34 -35.05 23.45
C GLU B 259 -20.94 -33.89 24.23
N PRO B 260 -21.36 -32.82 23.57
CA PRO B 260 -21.88 -31.64 24.27
C PRO B 260 -23.32 -31.82 24.73
N LYS B 261 -23.58 -31.24 25.89
CA LYS B 261 -24.85 -31.34 26.53
C LYS B 261 -25.40 -30.00 26.56
N ALA B 262 -26.70 -29.93 26.44
CA ALA B 262 -27.36 -28.68 26.41
C ALA B 262 -27.60 -28.19 27.78
N GLY B 263 -26.78 -27.25 28.25
CA GLY B 263 -26.93 -26.71 29.56
C GLY B 263 -26.56 -25.28 29.61
N VAL B 264 -25.54 -24.92 30.36
CA VAL B 264 -25.12 -23.56 30.52
C VAL B 264 -23.63 -23.47 30.51
N ASP B 265 -23.03 -22.80 29.55
CA ASP B 265 -21.59 -22.68 29.48
C ASP B 265 -21.14 -21.44 30.23
N PHE B 266 -19.87 -21.28 30.52
CA PHE B 266 -19.41 -20.13 31.22
C PHE B 266 -17.92 -20.08 31.33
N GLU B 267 -17.36 -18.91 31.54
CA GLU B 267 -15.93 -18.77 31.63
C GLU B 267 -15.60 -18.67 33.07
N TYR B 268 -14.42 -19.10 33.42
CA TYR B 268 -13.96 -19.19 34.80
C TYR B 268 -12.67 -18.38 34.93
N TYR B 269 -12.74 -17.27 35.67
CA TYR B 269 -11.62 -16.36 35.83
C TYR B 269 -11.00 -16.59 37.21
N ASP B 270 -9.91 -17.37 37.24
CA ASP B 270 -9.23 -17.72 38.47
C ASP B 270 -8.31 -16.60 38.91
N GLN B 271 -7.39 -16.90 39.84
CA GLN B 271 -6.37 -15.92 40.21
C GLN B 271 -5.44 -15.60 39.05
N ARG B 272 -5.06 -16.68 38.41
CA ARG B 272 -4.08 -16.72 37.35
C ARG B 272 -4.39 -15.84 36.21
N PHE B 273 -5.40 -14.99 36.31
CA PHE B 273 -5.74 -14.15 35.19
C PHE B 273 -5.48 -12.71 35.53
N ARG B 274 -4.83 -12.00 34.63
CA ARG B 274 -4.51 -10.64 34.91
C ARG B 274 -4.89 -9.68 33.82
N GLY B 275 -6.13 -9.29 33.77
CA GLY B 275 -6.60 -8.35 32.78
C GLY B 275 -7.08 -9.04 31.55
N PRO B 276 -8.16 -8.55 30.97
CA PRO B 276 -8.84 -9.08 29.78
C PRO B 276 -8.09 -8.80 28.49
N LEU B 277 -7.13 -7.91 28.56
CA LEU B 277 -6.36 -7.59 27.40
C LEU B 277 -4.92 -7.90 27.60
N ASP B 278 -4.56 -8.49 28.72
CA ASP B 278 -3.19 -8.84 28.93
C ASP B 278 -3.12 -10.06 28.13
N PRO B 279 -1.98 -10.19 27.37
CA PRO B 279 -1.88 -11.42 26.63
C PRO B 279 -1.40 -12.55 27.54
N ASN B 280 -0.47 -12.31 28.47
CA ASN B 280 -0.04 -13.41 29.31
C ASN B 280 -1.11 -13.74 30.34
N SER B 281 -2.29 -14.11 29.88
CA SER B 281 -3.37 -14.42 30.80
C SER B 281 -3.65 -15.92 30.76
N GLN B 282 -4.56 -16.36 31.64
CA GLN B 282 -4.98 -17.75 31.72
C GLN B 282 -6.34 -17.85 32.30
N VAL B 283 -7.34 -18.25 31.52
CA VAL B 283 -8.71 -18.45 31.96
C VAL B 283 -9.20 -19.86 31.71
N ASP B 284 -10.37 -20.20 32.22
CA ASP B 284 -10.92 -21.50 32.05
C ASP B 284 -12.29 -21.39 31.50
N LEU B 285 -12.61 -22.27 30.59
CA LEU B 285 -13.93 -22.28 29.98
C LEU B 285 -14.60 -23.61 30.27
N TYR B 286 -15.71 -23.57 31.00
CA TYR B 286 -16.40 -24.77 31.43
C TYR B 286 -17.55 -25.07 30.47
N ILE B 287 -17.56 -26.29 29.93
CA ILE B 287 -18.42 -26.65 28.81
C ILE B 287 -19.19 -27.91 29.13
N PRO B 288 -20.53 -27.90 29.08
CA PRO B 288 -21.31 -29.07 29.48
C PRO B 288 -21.02 -30.29 28.60
N ILE B 289 -21.06 -31.47 29.24
CA ILE B 289 -20.68 -32.73 28.62
C ILE B 289 -21.76 -33.76 28.89
N TYR B 290 -22.06 -34.60 27.90
CA TYR B 290 -22.84 -35.82 28.14
C TYR B 290 -21.97 -36.81 28.91
N LEU C 22 16.22 -39.89 15.68
CA LEU C 22 16.65 -39.30 14.41
C LEU C 22 18.09 -38.81 14.50
N THR C 23 18.68 -38.52 13.35
CA THR C 23 20.11 -38.23 13.24
C THR C 23 20.32 -36.79 12.76
N ILE C 24 21.57 -36.42 12.82
CA ILE C 24 21.90 -35.11 12.38
C ILE C 24 21.61 -35.11 10.88
N GLY C 25 21.19 -36.25 10.33
CA GLY C 25 20.75 -36.37 8.97
C GLY C 25 19.38 -35.83 9.26
N GLN C 26 18.35 -36.68 9.15
CA GLN C 26 16.94 -36.37 9.41
C GLN C 26 16.67 -35.01 9.98
N LEU C 27 17.58 -34.62 10.86
CA LEU C 27 17.58 -33.31 11.39
C LEU C 27 17.94 -32.39 10.23
N ALA C 28 18.03 -32.90 9.02
CA ALA C 28 18.35 -32.10 7.89
C ALA C 28 17.42 -32.52 6.79
N ARG C 29 16.16 -32.22 6.98
CA ARG C 29 15.18 -32.53 6.00
C ARG C 29 14.17 -31.48 6.19
N ILE C 30 13.17 -31.62 5.35
CA ILE C 30 12.00 -30.74 5.41
C ILE C 30 12.44 -29.34 5.02
N PHE C 31 12.82 -28.53 6.00
CA PHE C 31 13.08 -27.12 5.74
C PHE C 31 14.31 -26.97 4.86
N GLU C 32 14.25 -26.00 3.94
CA GLU C 32 15.35 -25.76 3.01
C GLU C 32 16.58 -25.32 3.80
N ILE C 33 17.32 -26.30 4.33
CA ILE C 33 18.30 -26.06 5.37
C ILE C 33 19.70 -26.42 4.87
N SER C 34 20.68 -25.69 5.38
CA SER C 34 22.08 -26.00 5.16
C SER C 34 22.66 -26.71 6.37
N THR C 35 23.69 -27.53 6.11
CA THR C 35 24.51 -28.08 7.18
C THR C 35 25.24 -26.97 7.94
N LYS C 36 25.61 -25.88 7.26
CA LYS C 36 26.33 -24.79 7.91
C LYS C 36 25.47 -24.09 8.95
N THR C 37 24.15 -24.21 8.84
CA THR C 37 23.26 -23.52 9.77
C THR C 37 23.19 -24.22 11.13
N LEU C 38 23.49 -25.51 11.18
CA LEU C 38 23.47 -26.19 12.47
C LEU C 38 24.86 -26.31 13.09
N ARG C 39 25.90 -26.32 12.27
CA ARG C 39 27.24 -26.06 12.79
C ARG C 39 27.33 -24.61 13.29
N HIS C 40 26.68 -23.69 12.58
CA HIS C 40 26.37 -22.35 13.07
C HIS C 40 25.92 -22.38 14.53
N TYR C 41 24.86 -23.11 14.80
CA TYR C 41 24.17 -23.08 16.10
C TYR C 41 24.71 -24.13 17.06
N ASP C 42 26.04 -24.12 17.27
CA ASP C 42 26.69 -25.08 18.13
C ASP C 42 27.24 -24.40 19.39
N ALA C 43 28.29 -23.60 19.27
CA ALA C 43 28.80 -22.83 20.40
C ALA C 43 27.98 -21.59 20.69
N ILE C 44 26.97 -21.30 19.87
CA ILE C 44 26.09 -20.17 20.13
C ILE C 44 25.35 -20.37 21.44
N GLY C 45 24.68 -21.51 21.59
CA GLY C 45 23.65 -21.72 22.58
C GLY C 45 22.25 -21.72 21.98
N LEU C 46 22.14 -21.60 20.66
CA LEU C 46 20.86 -21.60 19.97
C LEU C 46 20.58 -22.96 19.35
N TYR C 61 17.26 -33.67 19.34
CA TYR C 61 16.93 -34.90 18.64
C TYR C 61 15.64 -35.52 19.18
N GLN C 62 14.54 -34.79 19.02
CA GLN C 62 13.25 -35.20 19.56
C GLN C 62 12.18 -34.29 18.98
N PRO C 63 10.97 -34.80 18.73
CA PRO C 63 9.93 -33.99 18.07
C PRO C 63 9.45 -32.80 18.89
N GLU C 64 10.13 -32.50 20.00
CA GLU C 64 9.95 -31.24 20.68
C GLU C 64 10.78 -30.14 20.04
N GLN C 65 11.82 -30.50 19.29
CA GLN C 65 12.69 -29.58 18.56
C GLN C 65 12.25 -29.45 17.11
N ILE C 66 10.99 -29.09 16.91
CA ILE C 66 10.40 -29.09 15.57
C ILE C 66 9.63 -27.79 15.32
N GLU C 67 9.15 -27.17 16.40
CA GLU C 67 8.51 -25.87 16.30
C GLU C 67 9.33 -24.76 16.95
N GLN C 68 10.14 -25.09 17.96
CA GLN C 68 11.17 -24.17 18.42
C GLN C 68 12.08 -23.75 17.28
N LEU C 69 12.32 -24.65 16.33
CA LEU C 69 13.11 -24.38 15.14
C LEU C 69 12.24 -24.15 13.91
N SER C 70 10.95 -23.87 14.10
CA SER C 70 10.05 -23.52 13.01
C SER C 70 9.49 -22.11 13.11
N ARG C 71 9.40 -21.55 14.32
CA ARG C 71 9.11 -20.13 14.45
C ARG C 71 10.30 -19.28 14.03
N ILE C 72 11.50 -19.85 14.05
CA ILE C 72 12.68 -19.13 13.57
C ILE C 72 12.62 -18.95 12.06
N LEU C 73 12.19 -20.00 11.33
CA LEU C 73 11.79 -19.85 9.93
C LEU C 73 10.35 -19.34 9.82
N ALA C 74 10.14 -18.22 10.51
CA ALA C 74 8.87 -17.55 10.49
C ALA C 74 9.01 -16.09 10.73
N LEU C 75 10.11 -15.68 11.35
CA LEU C 75 10.39 -14.27 11.60
C LEU C 75 11.44 -13.93 10.56
N ARG C 76 12.38 -14.85 10.36
CA ARG C 76 13.43 -14.86 9.38
C ARG C 76 12.66 -15.24 8.18
N ARG C 77 11.74 -14.37 7.89
CA ARG C 77 10.88 -14.42 6.78
C ARG C 77 10.42 -13.02 6.93
N LEU C 78 10.81 -12.38 8.04
CA LEU C 78 10.44 -10.98 8.18
C LEU C 78 11.65 -10.11 8.50
N ASP C 79 12.85 -10.59 8.18
CA ASP C 79 14.10 -9.87 8.39
C ASP C 79 14.27 -9.44 9.84
N VAL C 80 14.65 -10.38 10.70
CA VAL C 80 14.92 -10.11 12.10
C VAL C 80 16.41 -10.27 12.35
N PRO C 81 16.77 -10.10 13.57
CA PRO C 81 18.10 -10.43 13.95
C PRO C 81 18.07 -11.86 14.42
N LEU C 82 19.08 -12.29 15.13
CA LEU C 82 19.11 -13.65 15.59
C LEU C 82 19.53 -13.62 17.02
N GLU C 83 20.78 -13.27 17.30
CA GLU C 83 21.30 -13.18 18.67
C GLU C 83 20.30 -12.51 19.58
N ALA C 84 19.39 -11.76 18.97
CA ALA C 84 18.35 -11.14 19.70
C ALA C 84 17.60 -12.33 20.30
N ILE C 85 16.76 -12.91 19.47
CA ILE C 85 15.99 -14.05 19.83
C ILE C 85 16.84 -15.20 20.31
N ASP C 86 17.92 -14.93 21.03
CA ASP C 86 18.70 -16.02 21.57
C ASP C 86 18.03 -16.23 22.87
N ARG C 87 18.48 -15.48 23.86
CA ARG C 87 17.92 -15.52 25.20
C ARG C 87 16.50 -14.97 25.28
N LEU C 88 15.95 -14.44 24.18
CA LEU C 88 14.51 -14.21 24.11
C LEU C 88 13.78 -15.55 24.17
N LYS C 89 14.53 -16.65 24.27
CA LYS C 89 13.92 -17.94 24.46
C LYS C 89 14.54 -18.76 25.59
N ARG C 90 15.57 -18.28 26.28
CA ARG C 90 15.93 -18.81 27.59
C ARG C 90 15.39 -17.93 28.72
N ASP C 91 14.17 -17.35 28.56
CA ASP C 91 13.60 -16.66 29.72
C ASP C 91 12.17 -17.05 30.09
N GLY C 92 11.24 -17.31 29.15
CA GLY C 92 11.34 -17.24 27.70
C GLY C 92 10.50 -16.11 27.11
N ALA C 93 9.83 -16.34 25.99
CA ALA C 93 9.43 -17.66 25.51
C ALA C 93 10.41 -18.44 24.67
N LEU C 94 10.57 -19.71 25.04
CA LEU C 94 10.99 -20.73 24.07
C LEU C 94 10.00 -20.77 22.91
N ASP C 95 8.75 -21.11 23.19
CA ASP C 95 7.68 -21.09 22.21
C ASP C 95 6.60 -20.14 22.65
N ASP C 96 5.70 -20.62 23.50
CA ASP C 96 4.71 -19.85 24.23
C ASP C 96 4.08 -18.81 23.32
N PRO C 97 3.04 -19.18 22.57
CA PRO C 97 2.45 -18.23 21.63
C PRO C 97 1.59 -17.14 22.27
N GLN C 98 1.43 -17.08 23.60
CA GLN C 98 0.71 -15.95 24.18
C GLN C 98 1.50 -14.65 23.98
N ARG C 99 2.82 -14.71 23.99
CA ARG C 99 3.62 -13.47 23.85
C ARG C 99 4.01 -13.06 22.44
N LEU C 100 4.34 -14.04 21.67
CA LEU C 100 4.71 -13.78 20.35
C LEU C 100 3.55 -13.21 19.62
N ARG C 101 2.49 -12.86 20.29
CA ARG C 101 1.32 -12.30 19.60
C ARG C 101 1.41 -10.82 19.59
N HIS C 102 1.58 -10.26 20.77
CA HIS C 102 1.74 -8.85 20.93
C HIS C 102 3.05 -8.58 20.24
N PHE C 103 4.05 -9.45 20.36
CA PHE C 103 5.30 -9.09 19.68
C PHE C 103 5.10 -8.99 18.18
N LEU C 104 4.45 -9.98 17.57
CA LEU C 104 4.30 -9.92 16.12
C LEU C 104 3.38 -8.78 15.69
N GLN C 105 2.41 -8.41 16.53
CA GLN C 105 1.64 -7.20 16.25
C GLN C 105 2.46 -5.95 16.52
N ARG C 106 3.36 -6.00 17.51
CA ARG C 106 4.38 -4.98 17.65
C ARG C 106 5.15 -4.82 16.34
N HIS C 107 5.73 -5.88 15.85
CA HIS C 107 6.45 -5.86 14.61
C HIS C 107 5.65 -5.44 13.45
N GLN C 108 4.36 -5.67 13.44
CA GLN C 108 3.54 -5.24 12.32
C GLN C 108 3.49 -3.78 12.34
N HIS C 109 3.40 -3.26 13.55
CA HIS C 109 3.33 -1.82 13.76
C HIS C 109 4.57 -1.29 13.20
N THR C 110 5.64 -1.68 13.82
CA THR C 110 6.90 -1.15 13.30
C THR C 110 6.88 -1.15 11.78
N LEU C 111 6.71 -2.31 11.20
CA LEU C 111 6.74 -2.30 9.78
C LEU C 111 5.64 -1.34 9.73
N ARG C 112 4.67 -1.53 8.86
CA ARG C 112 3.52 -0.65 8.70
C ARG C 112 3.79 0.82 8.92
N GLU C 113 4.59 1.15 9.91
CA GLU C 113 4.94 2.53 10.19
C GLU C 113 5.95 2.80 9.14
N GLU C 114 6.84 1.87 8.94
CA GLU C 114 7.80 2.08 7.85
C GLU C 114 7.07 2.32 6.54
N ILE C 115 6.11 1.45 6.19
CA ILE C 115 5.47 1.59 4.89
C ILE C 115 4.73 2.91 4.78
N SER C 116 4.06 3.36 5.86
CA SER C 116 3.43 4.67 5.81
C SER C 116 4.47 5.78 5.62
N ALA C 117 5.55 5.73 6.39
CA ALA C 117 6.56 6.79 6.33
C ALA C 117 7.13 6.97 4.93
N ARG C 118 7.20 5.89 4.15
CA ARG C 118 7.82 5.94 2.84
C ARG C 118 6.83 6.17 1.70
N GLN C 119 5.56 6.23 2.04
CA GLN C 119 4.55 6.61 1.08
C GLN C 119 4.51 8.13 1.15
N ARG C 120 4.66 8.64 2.36
CA ARG C 120 4.67 10.04 2.57
C ARG C 120 5.83 10.61 1.79
N LEU C 121 6.95 9.92 1.74
CA LEU C 121 8.10 10.39 1.00
C LEU C 121 7.80 10.28 -0.43
N LEU C 122 7.16 9.24 -0.82
CA LEU C 122 6.84 9.21 -2.25
C LEU C 122 5.82 10.28 -2.61
N ALA C 123 4.89 10.60 -1.71
CA ALA C 123 3.90 11.63 -1.99
C ALA C 123 4.57 12.98 -2.20
N GLU C 124 5.47 13.33 -1.31
CA GLU C 124 6.16 14.57 -1.41
C GLU C 124 6.96 14.48 -2.61
N LEU C 125 7.70 13.42 -2.70
CA LEU C 125 8.59 13.17 -3.80
C LEU C 125 7.96 13.34 -5.16
N ASP C 126 6.65 13.16 -5.26
CA ASP C 126 5.97 13.38 -6.53
C ASP C 126 6.00 14.82 -6.72
N ARG C 127 5.39 15.53 -5.79
CA ARG C 127 5.30 16.97 -5.75
C ARG C 127 6.59 17.53 -6.11
N THR C 128 7.67 16.89 -5.75
CA THR C 128 8.94 17.49 -6.12
C THR C 128 9.30 17.47 -7.58
N LEU C 129 8.68 16.60 -8.34
CA LEU C 129 8.98 16.51 -9.74
C LEU C 129 8.11 17.39 -10.58
N ALA C 130 7.51 18.38 -9.97
CA ALA C 130 6.66 19.26 -10.66
C ALA C 130 7.52 20.31 -11.15
N THR C 131 8.22 20.95 -10.24
CA THR C 131 9.13 22.01 -10.49
C THR C 131 10.08 21.74 -11.58
N LEU C 132 10.42 20.49 -11.72
CA LEU C 132 11.35 20.11 -12.71
C LEU C 132 10.67 19.98 -14.02
N ALA C 133 9.34 19.93 -13.95
CA ALA C 133 8.45 19.78 -15.07
C ALA C 133 8.27 21.08 -15.70
N HIS C 134 8.26 22.11 -14.90
CA HIS C 134 8.07 23.41 -15.39
C HIS C 134 9.33 24.06 -15.68
N TRP C 135 10.37 23.72 -14.98
CA TRP C 135 11.68 24.31 -15.24
C TRP C 135 12.18 23.96 -16.65
N ARG C 136 11.71 22.86 -17.20
CA ARG C 136 12.07 22.40 -18.53
C ARG C 136 11.07 22.97 -19.48
N ILE C 137 9.85 23.18 -19.03
CA ILE C 137 8.91 23.90 -19.88
C ILE C 137 9.36 25.34 -20.05
N ARG C 138 9.73 26.00 -18.95
CA ARG C 138 10.18 27.38 -19.02
C ARG C 138 11.47 27.54 -19.81
N ASN C 139 12.15 26.43 -19.97
CA ASN C 139 13.40 26.41 -20.69
C ASN C 139 13.24 25.74 -22.04
N MET C 140 11.99 25.60 -22.47
CA MET C 140 11.58 25.09 -23.78
C MET C 140 11.42 26.32 -24.61
N HIS C 141 12.50 26.70 -25.25
CA HIS C 141 12.54 27.87 -26.04
C HIS C 141 12.07 27.60 -27.44
N ALA C 142 11.50 28.56 -28.14
CA ALA C 142 11.04 28.31 -29.48
C ALA C 142 12.07 28.71 -30.43
N ARG C 143 12.08 28.15 -31.60
CA ARG C 143 13.05 28.44 -32.60
C ARG C 143 12.15 28.61 -33.72
N ILE C 144 12.45 29.49 -34.63
CA ILE C 144 11.67 29.73 -35.77
C ILE C 144 12.50 29.15 -36.85
N VAL C 145 11.92 28.31 -37.67
CA VAL C 145 12.51 27.59 -38.79
C VAL C 145 11.55 27.63 -39.98
N GLU C 146 12.04 28.08 -41.12
CA GLU C 146 11.32 28.02 -42.38
C GLU C 146 11.87 26.86 -43.20
N ARG C 147 11.01 25.92 -43.57
CA ARG C 147 11.48 24.80 -44.38
C ARG C 147 10.64 24.67 -45.64
N PRO C 148 11.27 24.47 -46.78
CA PRO C 148 10.51 24.35 -48.04
C PRO C 148 9.72 23.06 -48.09
N ALA C 149 8.95 22.88 -49.16
CA ALA C 149 8.17 21.66 -49.33
C ALA C 149 9.10 20.49 -49.61
N PHE C 150 8.98 19.44 -48.80
CA PHE C 150 9.79 18.25 -48.93
C PHE C 150 8.89 17.03 -48.98
N SER C 151 9.44 15.93 -49.48
CA SER C 151 8.66 14.72 -49.74
C SER C 151 8.97 13.66 -48.68
N VAL C 152 7.95 13.24 -47.95
CA VAL C 152 8.06 12.19 -46.96
C VAL C 152 7.20 11.01 -47.40
N VAL C 153 7.62 9.78 -47.14
CA VAL C 153 6.83 8.56 -47.43
C VAL C 153 7.01 7.44 -46.41
N GLY C 154 5.94 6.81 -45.99
CA GLY C 154 6.03 5.73 -45.05
C GLY C 154 4.71 5.09 -44.87
N MET C 155 4.26 4.97 -43.64
CA MET C 155 3.00 4.34 -43.35
C MET C 155 2.08 5.39 -42.86
N GLU C 156 0.80 5.13 -42.83
CA GLU C 156 -0.14 6.10 -42.41
C GLU C 156 -1.40 5.45 -41.98
N TYR C 157 -2.22 6.22 -41.29
CA TYR C 157 -3.62 5.93 -40.99
C TYR C 157 -4.43 7.15 -41.41
N ASP C 164 -6.81 3.17 -35.02
CA ASP C 164 -7.34 4.28 -34.25
C ASP C 164 -6.38 4.64 -33.11
N THR C 165 -5.11 4.27 -33.27
CA THR C 165 -4.06 4.57 -32.31
C THR C 165 -2.91 5.27 -33.05
N ILE C 166 -1.83 5.52 -32.34
CA ILE C 166 -0.69 6.26 -32.91
C ILE C 166 0.61 5.52 -32.62
N GLY C 167 0.75 5.00 -31.40
CA GLY C 167 2.03 4.45 -30.99
C GLY C 167 2.37 3.12 -31.64
N GLN C 168 1.36 2.36 -32.06
CA GLN C 168 1.60 1.04 -32.63
C GLN C 168 2.06 1.10 -34.08
N LEU C 169 2.12 2.28 -34.65
CA LEU C 169 2.52 2.45 -36.03
C LEU C 169 3.96 2.34 -36.35
N TRP C 170 4.79 2.61 -35.39
CA TRP C 170 6.21 2.57 -35.58
C TRP C 170 6.76 1.22 -35.40
N GLU C 171 6.23 0.39 -34.50
CA GLU C 171 6.80 -0.94 -34.32
C GLU C 171 6.70 -1.79 -35.57
N ARG C 172 5.82 -1.43 -36.51
CA ARG C 172 5.71 -2.14 -37.77
C ARG C 172 6.59 -1.53 -38.86
N PHE C 173 6.88 -0.27 -38.69
CA PHE C 173 7.64 0.45 -39.65
C PHE C 173 9.12 0.37 -39.50
N ILE C 174 9.60 0.45 -38.29
CA ILE C 174 11.01 0.39 -38.05
C ILE C 174 11.68 -0.81 -38.64
N PRO C 175 10.96 -1.89 -38.78
CA PRO C 175 11.46 -3.09 -39.41
C PRO C 175 11.58 -2.84 -40.88
N ARG C 176 10.55 -2.20 -41.41
CA ARG C 176 10.47 -1.86 -42.79
C ARG C 176 11.29 -0.65 -43.14
N GLU C 177 12.16 -0.21 -42.25
CA GLU C 177 13.00 0.99 -42.41
C GLU C 177 13.91 1.16 -43.61
N HIS C 178 14.56 0.14 -44.10
CA HIS C 178 15.42 0.45 -45.21
C HIS C 178 14.87 -0.02 -46.51
N GLU C 179 13.57 -0.27 -46.48
CA GLU C 179 12.80 -0.67 -47.62
C GLU C 179 12.89 0.57 -48.48
N ILE C 180 12.52 1.69 -47.87
CA ILE C 180 12.54 2.99 -48.47
C ILE C 180 13.84 3.22 -49.15
N ALA C 181 13.79 3.99 -50.22
CA ALA C 181 14.97 4.23 -50.99
C ALA C 181 15.24 5.65 -51.21
N GLY C 182 16.50 5.99 -51.33
CA GLY C 182 16.86 7.36 -51.60
C GLY C 182 16.42 8.36 -50.56
N LYS C 183 16.79 8.12 -49.30
CA LYS C 183 16.47 8.99 -48.19
C LYS C 183 17.58 9.96 -47.97
N HIS C 184 17.22 11.15 -47.54
CA HIS C 184 18.16 12.20 -47.38
C HIS C 184 19.02 11.99 -46.16
N ASP C 185 18.38 11.81 -45.03
CA ASP C 185 19.04 11.55 -43.79
C ASP C 185 18.31 10.32 -43.35
N PRO C 186 19.08 9.19 -43.31
CA PRO C 186 18.38 7.98 -42.90
C PRO C 186 17.95 7.95 -41.43
N GLU C 187 18.64 8.73 -40.64
CA GLU C 187 18.42 8.86 -39.21
C GLU C 187 17.18 9.57 -38.73
N VAL C 188 16.56 10.41 -39.55
CA VAL C 188 15.42 11.17 -39.10
C VAL C 188 14.08 10.71 -39.52
N SER C 189 13.22 10.43 -38.58
CA SER C 189 11.93 10.00 -38.88
C SER C 189 11.13 11.22 -38.72
N TYR C 190 9.85 11.20 -39.05
CA TYR C 190 8.98 12.34 -38.90
C TYR C 190 7.66 11.80 -38.60
N GLY C 191 6.93 12.35 -37.67
CA GLY C 191 5.62 11.87 -37.35
C GLY C 191 4.78 12.99 -37.81
N ILE C 192 4.17 12.88 -38.97
CA ILE C 192 3.43 13.95 -39.56
C ILE C 192 2.02 13.90 -39.17
N CYS C 193 1.36 15.02 -39.03
CA CYS C 193 -0.05 15.05 -38.61
C CYS C 193 -0.72 16.18 -39.40
N ALA C 194 -1.21 15.82 -40.55
CA ALA C 194 -1.83 16.75 -41.42
C ALA C 194 -3.04 17.21 -40.72
N GLN C 195 -3.38 18.46 -40.89
CA GLN C 195 -4.55 18.97 -40.28
C GLN C 195 -5.62 18.85 -41.30
N GLN C 196 -6.67 18.10 -41.05
CA GLN C 196 -7.73 17.97 -42.02
C GLN C 196 -8.85 18.90 -41.59
N PRO C 197 -9.71 19.35 -42.58
CA PRO C 197 -10.69 20.34 -42.16
C PRO C 197 -12.14 19.92 -41.96
N ASN C 198 -12.30 18.85 -41.23
CA ASN C 198 -13.54 18.17 -40.87
C ASN C 198 -13.91 18.35 -39.41
N GLY C 199 -13.03 18.07 -38.44
CA GLY C 199 -11.65 17.65 -38.62
C GLY C 199 -11.36 16.21 -38.24
N GLU C 200 -11.00 15.41 -39.24
CA GLU C 200 -10.58 14.03 -39.03
C GLU C 200 -9.06 13.97 -38.95
N PHE C 201 -8.50 13.17 -38.08
CA PHE C 201 -7.07 13.20 -37.96
C PHE C 201 -6.43 12.66 -39.19
N HIS C 202 -5.16 12.30 -39.07
CA HIS C 202 -4.31 11.70 -40.13
C HIS C 202 -3.02 11.64 -39.43
N TYR C 203 -1.99 11.05 -40.01
CA TYR C 203 -0.72 10.99 -39.33
C TYR C 203 0.20 10.08 -40.06
N VAL C 204 1.42 10.48 -40.35
CA VAL C 204 2.30 9.62 -41.07
C VAL C 204 3.68 9.41 -40.47
N ALA C 205 4.17 8.23 -40.47
CA ALA C 205 5.47 8.11 -39.94
C ALA C 205 6.45 7.86 -41.03
N GLY C 206 7.16 8.86 -41.53
CA GLY C 206 8.07 8.64 -42.63
C GLY C 206 9.47 9.14 -42.64
N PHE C 207 10.06 9.21 -43.81
CA PHE C 207 11.40 9.69 -43.95
C PHE C 207 11.36 10.76 -45.01
N GLU C 208 12.46 11.47 -45.21
CA GLU C 208 12.54 12.46 -46.26
C GLU C 208 13.48 12.00 -47.33
N VAL C 209 12.91 11.76 -48.50
CA VAL C 209 13.65 11.29 -49.63
C VAL C 209 13.42 12.09 -50.85
N GLN C 210 14.41 12.01 -51.71
CA GLN C 210 14.40 12.68 -52.94
C GLN C 210 13.24 12.08 -53.59
N GLU C 211 12.31 12.91 -53.97
CA GLU C 211 11.13 12.55 -54.65
C GLU C 211 11.54 11.70 -55.86
N GLY C 212 10.66 10.85 -56.37
CA GLY C 212 11.01 10.03 -57.49
C GLY C 212 11.55 8.68 -57.23
N TRP C 213 11.35 8.19 -56.04
CA TRP C 213 11.84 6.90 -55.67
C TRP C 213 10.62 6.12 -55.46
N PRO C 214 10.59 4.88 -55.79
CA PRO C 214 9.46 4.00 -55.56
C PRO C 214 9.07 3.87 -54.09
N VAL C 215 7.82 3.57 -53.80
CA VAL C 215 7.38 3.49 -52.43
C VAL C 215 6.74 2.21 -51.90
N PRO C 216 7.64 1.27 -51.42
CA PRO C 216 7.11 0.00 -50.86
C PRO C 216 5.60 -0.28 -50.57
N GLU C 217 5.09 -1.46 -50.89
CA GLU C 217 3.69 -1.72 -50.59
C GLU C 217 3.35 -1.46 -49.16
N GLY C 218 2.27 -0.74 -48.96
CA GLY C 218 1.83 -0.47 -47.61
C GLY C 218 1.96 0.94 -47.20
N MET C 219 2.99 1.60 -47.69
CA MET C 219 3.25 2.98 -47.36
C MET C 219 2.86 3.91 -48.49
N VAL C 220 2.64 5.16 -48.19
CA VAL C 220 2.27 6.12 -49.17
C VAL C 220 3.27 7.27 -49.10
N ARG C 221 3.19 8.21 -50.03
CA ARG C 221 4.03 9.39 -50.09
C ARG C 221 3.19 10.64 -49.82
N PHE C 222 3.66 11.46 -48.89
CA PHE C 222 2.96 12.67 -48.46
C PHE C 222 3.89 13.87 -48.69
N GLN C 223 3.32 14.93 -49.18
CA GLN C 223 4.08 16.09 -49.43
C GLN C 223 3.64 17.11 -48.48
N VAL C 224 4.53 17.61 -47.65
CA VAL C 224 4.18 18.61 -46.70
C VAL C 224 4.55 19.84 -47.40
N PRO C 225 3.78 20.95 -47.13
CA PRO C 225 4.15 22.13 -47.86
C PRO C 225 5.13 22.99 -47.18
N ALA C 226 5.44 24.14 -47.73
CA ALA C 226 6.41 25.02 -47.13
C ALA C 226 5.80 25.79 -46.07
N GLN C 227 6.44 25.92 -44.93
CA GLN C 227 5.88 26.67 -43.89
C GLN C 227 6.91 27.15 -43.06
N LYS C 228 6.56 27.98 -42.12
CA LYS C 228 7.48 28.55 -41.19
C LYS C 228 6.85 28.05 -40.00
N TYR C 229 7.66 27.61 -39.06
CA TYR C 229 7.25 26.98 -37.84
C TYR C 229 7.97 27.52 -36.67
N ALA C 230 7.37 27.38 -35.52
CA ALA C 230 7.96 27.51 -34.20
C ALA C 230 8.30 26.12 -33.69
N VAL C 231 9.55 25.93 -33.28
CA VAL C 231 10.08 24.62 -32.93
C VAL C 231 10.32 24.57 -31.43
N PHE C 232 9.80 23.52 -30.79
CA PHE C 232 9.95 23.34 -29.35
C PHE C 232 10.56 21.97 -29.09
N THR C 233 11.70 21.90 -28.45
CA THR C 233 12.36 20.64 -28.17
C THR C 233 11.82 19.90 -26.96
N HIS C 234 11.38 18.69 -27.14
CA HIS C 234 10.81 17.91 -26.08
C HIS C 234 11.81 16.98 -25.42
N LYS C 235 11.86 17.09 -24.10
CA LYS C 235 12.72 16.34 -23.26
C LYS C 235 11.77 15.52 -22.48
N GLY C 236 11.71 14.23 -22.73
CA GLY C 236 10.76 13.45 -22.04
C GLY C 236 10.46 12.41 -22.98
N THR C 237 9.32 11.75 -22.75
CA THR C 237 8.83 10.57 -23.45
C THR C 237 7.72 10.95 -24.41
N ALA C 238 7.17 9.92 -25.08
CA ALA C 238 6.19 10.11 -26.15
C ALA C 238 4.80 10.45 -25.62
N PRO C 239 4.24 9.73 -24.63
CA PRO C 239 2.96 10.19 -24.05
C PRO C 239 3.10 11.54 -23.36
N GLN C 240 4.33 11.97 -23.07
CA GLN C 240 4.61 13.31 -22.58
C GLN C 240 4.57 14.36 -23.68
N ILE C 241 4.52 13.96 -24.94
CA ILE C 241 4.62 14.93 -26.03
C ILE C 241 3.41 15.84 -26.06
N ALA C 242 2.21 15.28 -25.87
CA ALA C 242 1.02 16.11 -25.80
C ALA C 242 1.05 17.05 -24.61
N GLU C 243 1.77 16.67 -23.55
CA GLU C 243 1.92 17.55 -22.40
C GLU C 243 2.59 18.87 -22.78
N SER C 244 3.51 18.83 -23.75
CA SER C 244 4.07 20.06 -24.29
C SER C 244 3.11 20.76 -25.24
N PHE C 245 2.23 20.00 -25.90
CA PHE C 245 1.39 20.58 -26.94
C PHE C 245 0.37 21.56 -26.38
N GLN C 246 -0.13 21.32 -25.16
CA GLN C 246 -1.03 22.29 -24.56
C GLN C 246 -0.28 23.52 -24.07
N ALA C 247 0.90 23.34 -23.48
CA ALA C 247 1.72 24.47 -23.07
C ALA C 247 2.09 25.34 -24.27
N ILE C 248 2.34 24.78 -25.41
CA ILE C 248 2.69 25.56 -26.58
C ILE C 248 1.51 26.35 -27.00
N TYR C 249 0.46 25.69 -27.34
CA TYR C 249 -0.72 26.32 -27.79
C TYR C 249 -1.43 26.98 -26.71
N SER C 250 -0.81 27.13 -25.58
CA SER C 250 -1.39 27.75 -24.39
C SER C 250 -0.87 29.14 -24.11
N HIS C 251 0.40 29.26 -23.81
CA HIS C 251 0.99 30.53 -23.49
C HIS C 251 2.33 30.66 -24.08
N LEU C 252 2.89 29.59 -24.49
CA LEU C 252 4.25 29.65 -25.02
C LEU C 252 4.33 30.33 -26.37
N LEU C 253 3.24 30.37 -27.13
CA LEU C 253 3.22 31.12 -28.38
C LEU C 253 2.91 32.60 -28.15
N ALA C 254 2.11 32.87 -27.20
CA ALA C 254 1.67 34.16 -26.90
C ALA C 254 2.62 35.03 -26.22
N GLU C 255 3.61 34.49 -25.56
CA GLU C 255 4.58 35.33 -24.93
C GLU C 255 5.64 35.59 -25.86
N ARG C 256 5.84 34.72 -26.80
CA ARG C 256 6.83 34.86 -27.79
C ARG C 256 6.30 35.66 -28.93
N GLY C 257 5.06 36.06 -28.87
CA GLY C 257 4.45 36.85 -29.88
C GLY C 257 4.29 36.17 -31.17
N LEU C 258 3.71 34.99 -31.18
CA LEU C 258 3.48 34.24 -32.36
C LEU C 258 2.05 33.77 -32.42
N GLU C 259 1.58 33.59 -33.63
CA GLU C 259 0.25 33.20 -33.86
C GLU C 259 0.41 31.94 -34.55
N PRO C 260 -0.50 30.95 -34.22
CA PRO C 260 -0.31 29.72 -34.90
C PRO C 260 -1.23 29.52 -35.98
N LYS C 261 -0.76 28.92 -37.04
CA LYS C 261 -1.50 28.64 -38.21
C LYS C 261 -1.84 27.19 -38.48
N ALA C 262 -3.06 26.92 -38.79
CA ALA C 262 -3.61 25.60 -39.07
C ALA C 262 -2.98 25.05 -40.34
N GLY C 263 -1.99 24.18 -40.18
CA GLY C 263 -1.27 23.64 -41.32
C GLY C 263 -0.84 22.20 -41.13
N VAL C 264 0.42 21.93 -41.44
CA VAL C 264 0.99 20.59 -41.31
C VAL C 264 2.04 20.67 -40.20
N ASP C 265 1.78 20.08 -39.05
CA ASP C 265 2.78 20.03 -37.99
C ASP C 265 3.39 18.68 -37.97
N PHE C 266 4.52 18.52 -37.32
CA PHE C 266 5.18 17.27 -37.27
C PHE C 266 6.12 17.12 -36.09
N GLU C 267 6.46 15.90 -35.74
CA GLU C 267 7.32 15.64 -34.63
C GLU C 267 8.58 15.18 -35.27
N TYR C 268 9.70 15.61 -34.79
CA TYR C 268 10.95 15.34 -35.39
C TYR C 268 11.80 14.57 -34.44
N TYR C 269 12.31 13.46 -34.94
CA TYR C 269 13.13 12.54 -34.26
C TYR C 269 14.39 12.44 -34.99
N ASP C 270 15.49 12.63 -34.31
CA ASP C 270 16.78 12.55 -34.91
C ASP C 270 17.30 11.64 -33.91
N GLN C 271 18.60 11.56 -33.71
CA GLN C 271 19.12 10.74 -32.67
C GLN C 271 18.63 11.25 -31.37
N ARG C 272 19.19 12.38 -31.06
CA ARG C 272 18.80 12.68 -29.68
C ARG C 272 17.47 12.05 -29.31
N PHE C 273 17.20 10.85 -29.80
CA PHE C 273 15.97 10.12 -29.50
C PHE C 273 16.27 8.64 -29.55
N ARG C 274 16.05 7.93 -28.44
CA ARG C 274 16.34 6.51 -28.38
C ARG C 274 15.26 5.71 -27.64
N GLY C 275 14.03 6.22 -27.56
CA GLY C 275 12.96 5.50 -26.93
C GLY C 275 11.76 6.35 -26.59
N PRO C 276 10.56 5.86 -26.90
CA PRO C 276 9.33 6.57 -26.51
C PRO C 276 9.01 6.47 -25.04
N LEU C 277 9.89 5.83 -24.28
CA LEU C 277 9.78 5.66 -22.85
C LEU C 277 11.07 5.95 -22.11
N ASP C 278 12.21 5.99 -22.79
CA ASP C 278 13.46 6.36 -22.13
C ASP C 278 13.24 7.77 -21.83
N PRO C 279 13.27 8.22 -20.53
CA PRO C 279 13.00 9.65 -20.38
C PRO C 279 14.11 10.63 -20.71
N ASN C 280 15.07 10.31 -21.55
CA ASN C 280 16.09 11.27 -21.85
C ASN C 280 16.16 11.57 -23.27
N SER C 281 15.22 11.13 -24.07
CA SER C 281 15.29 11.47 -25.47
C SER C 281 14.44 12.68 -25.62
N GLN C 282 14.72 13.48 -26.64
CA GLN C 282 13.94 14.69 -26.88
C GLN C 282 13.54 14.81 -28.34
N VAL C 283 12.33 15.26 -28.64
CA VAL C 283 11.89 15.40 -30.01
C VAL C 283 11.50 16.82 -30.28
N ASP C 284 11.86 17.35 -31.44
CA ASP C 284 11.55 18.74 -31.75
C ASP C 284 10.19 18.82 -32.42
N LEU C 285 9.24 19.42 -31.74
CA LEU C 285 7.90 19.57 -32.20
C LEU C 285 7.81 20.83 -32.98
N TYR C 286 7.70 20.72 -34.30
CA TYR C 286 7.64 21.77 -35.26
C TYR C 286 6.23 22.20 -35.49
N ILE C 287 5.82 23.37 -35.03
CA ILE C 287 4.47 23.82 -35.19
C ILE C 287 4.32 24.95 -36.16
N PRO C 288 3.34 24.97 -37.07
CA PRO C 288 3.29 26.10 -38.00
C PRO C 288 2.85 27.39 -37.33
N ILE C 289 3.42 28.50 -37.81
CA ILE C 289 3.08 29.83 -37.34
C ILE C 289 2.96 30.76 -38.53
N TYR C 290 2.40 31.94 -38.28
CA TYR C 290 2.31 32.99 -39.30
C TYR C 290 3.61 33.78 -39.33
N MET D 21 -6.78 31.94 -31.12
CA MET D 21 -7.92 31.05 -31.03
C MET D 21 -7.77 29.88 -32.02
N LEU D 22 -8.34 28.77 -31.57
CA LEU D 22 -8.25 27.45 -32.17
C LEU D 22 -9.36 26.73 -32.90
N THR D 23 -8.95 25.55 -33.37
CA THR D 23 -9.69 24.64 -34.20
C THR D 23 -9.87 23.36 -33.53
N ILE D 24 -11.03 22.80 -33.71
CA ILE D 24 -11.38 21.56 -33.11
C ILE D 24 -10.41 20.44 -33.36
N GLY D 25 -9.72 20.49 -34.49
CA GLY D 25 -8.80 19.46 -34.85
C GLY D 25 -7.50 19.49 -34.17
N GLN D 26 -6.84 20.63 -34.13
CA GLN D 26 -5.59 20.77 -33.39
C GLN D 26 -5.83 20.72 -31.88
N LEU D 27 -7.01 21.06 -31.43
CA LEU D 27 -7.26 20.98 -30.00
C LEU D 27 -7.06 19.57 -29.64
N ALA D 28 -7.97 18.79 -30.14
CA ALA D 28 -7.99 17.37 -30.00
C ALA D 28 -6.63 16.78 -30.09
N ARG D 29 -5.88 17.29 -31.02
CA ARG D 29 -4.56 16.80 -31.27
C ARG D 29 -3.63 16.98 -30.13
N ILE D 30 -3.74 18.11 -29.46
CA ILE D 30 -2.83 18.42 -28.39
C ILE D 30 -3.14 17.71 -27.10
N PHE D 31 -4.33 17.14 -27.05
CA PHE D 31 -4.75 16.40 -25.92
C PHE D 31 -4.62 14.91 -26.19
N GLU D 32 -4.15 14.55 -27.38
CA GLU D 32 -3.96 13.17 -27.81
C GLU D 32 -5.24 12.35 -27.66
N ILE D 33 -6.37 12.98 -27.94
CA ILE D 33 -7.66 12.30 -27.87
C ILE D 33 -8.29 12.32 -29.25
N SER D 34 -9.57 11.94 -29.33
CA SER D 34 -10.29 11.96 -30.59
C SER D 34 -11.06 13.27 -30.74
N THR D 35 -11.59 13.49 -31.94
CA THR D 35 -12.47 14.63 -32.16
C THR D 35 -13.91 14.32 -31.78
N LYS D 36 -14.38 13.11 -32.06
CA LYS D 36 -15.71 12.69 -31.60
C LYS D 36 -15.83 12.76 -30.09
N THR D 37 -14.70 12.69 -29.37
CA THR D 37 -14.73 12.88 -27.92
C THR D 37 -15.05 14.33 -27.57
N LEU D 38 -14.62 15.29 -28.39
CA LEU D 38 -14.93 16.68 -28.10
C LEU D 38 -16.33 17.05 -28.56
N ARG D 39 -16.78 16.51 -29.70
CA ARG D 39 -18.18 16.64 -30.08
C ARG D 39 -19.08 15.89 -29.10
N HIS D 40 -18.57 14.81 -28.51
CA HIS D 40 -19.21 14.22 -27.33
C HIS D 40 -19.44 15.28 -26.26
N TYR D 41 -18.39 15.96 -25.87
CA TYR D 41 -18.49 16.90 -24.78
C TYR D 41 -19.27 18.13 -25.05
N ASP D 42 -19.28 18.61 -26.28
CA ASP D 42 -19.99 19.82 -26.58
C ASP D 42 -21.50 19.73 -26.46
N ALA D 43 -22.08 18.67 -27.01
CA ALA D 43 -23.52 18.51 -27.19
C ALA D 43 -24.30 18.79 -25.92
N ILE D 44 -23.74 18.44 -24.76
CA ILE D 44 -24.46 18.63 -23.50
C ILE D 44 -24.59 20.11 -23.17
N GLY D 45 -23.55 20.88 -23.45
CA GLY D 45 -23.35 22.18 -22.84
C GLY D 45 -22.17 22.20 -21.90
N LEU D 46 -21.51 21.08 -21.70
CA LEU D 46 -20.40 21.03 -20.80
C LEU D 46 -19.34 21.94 -21.28
N PHE D 47 -18.54 21.48 -22.19
CA PHE D 47 -17.44 22.24 -22.74
C PHE D 47 -17.96 22.78 -24.03
N VAL D 48 -18.81 23.78 -23.95
CA VAL D 48 -19.41 24.43 -25.08
C VAL D 48 -18.71 25.74 -25.36
N PRO D 49 -18.03 25.87 -26.57
CA PRO D 49 -17.42 27.16 -26.79
C PRO D 49 -18.12 27.90 -27.88
N GLY D 57 -21.13 28.30 -38.18
CA GLY D 57 -20.72 26.91 -38.26
C GLY D 57 -19.23 26.69 -38.07
N TYR D 58 -18.46 27.78 -38.11
CA TYR D 58 -17.00 27.71 -38.01
C TYR D 58 -16.56 27.88 -36.55
N ARG D 59 -17.09 27.12 -35.62
CA ARG D 59 -16.73 27.29 -34.22
C ARG D 59 -15.31 27.18 -33.84
N TYR D 60 -14.75 28.29 -33.46
CA TYR D 60 -13.39 28.35 -33.03
C TYR D 60 -13.40 28.45 -31.52
N TYR D 61 -12.28 28.14 -30.89
CA TYR D 61 -12.18 28.16 -29.48
C TYR D 61 -10.96 28.86 -29.12
N GLN D 62 -10.96 29.51 -27.97
CA GLN D 62 -9.81 30.28 -27.50
C GLN D 62 -8.87 29.41 -26.67
N PRO D 63 -7.57 29.76 -26.64
CA PRO D 63 -6.60 28.88 -25.98
C PRO D 63 -6.73 28.81 -24.47
N GLU D 64 -7.42 29.77 -23.84
CA GLU D 64 -7.58 29.70 -22.39
C GLU D 64 -8.47 28.54 -21.96
N GLN D 65 -9.27 28.00 -22.88
CA GLN D 65 -10.07 26.81 -22.62
C GLN D 65 -9.25 25.53 -22.62
N ILE D 66 -7.94 25.61 -22.92
CA ILE D 66 -7.10 24.41 -22.93
C ILE D 66 -6.91 23.89 -21.51
N GLU D 67 -6.43 24.75 -20.61
CA GLU D 67 -6.19 24.31 -19.23
C GLU D 67 -7.48 23.88 -18.55
N GLN D 68 -8.61 24.46 -18.93
CA GLN D 68 -9.89 23.98 -18.43
C GLN D 68 -10.15 22.54 -18.87
N LEU D 69 -9.68 22.17 -20.06
CA LEU D 69 -9.82 20.80 -20.55
C LEU D 69 -8.70 19.90 -20.05
N SER D 70 -7.61 20.44 -19.59
CA SER D 70 -6.63 19.56 -19.04
C SER D 70 -7.01 19.28 -17.63
N ARG D 71 -8.15 19.73 -17.17
CA ARG D 71 -8.57 19.53 -15.82
C ARG D 71 -9.83 18.72 -15.89
N ILE D 72 -10.51 18.77 -17.02
CA ILE D 72 -11.65 17.89 -17.27
C ILE D 72 -11.19 16.52 -17.72
N LEU D 73 -10.27 16.48 -18.68
CA LEU D 73 -9.68 15.22 -19.13
C LEU D 73 -8.88 14.54 -18.02
N ALA D 74 -8.42 15.31 -17.02
CA ALA D 74 -7.73 14.74 -15.88
C ALA D 74 -8.69 14.14 -14.84
N LEU D 75 -10.00 14.26 -15.05
CA LEU D 75 -10.97 13.76 -14.10
C LEU D 75 -11.63 12.46 -14.53
N ARG D 76 -11.64 12.15 -15.84
CA ARG D 76 -12.08 10.83 -16.26
C ARG D 76 -10.97 9.79 -16.17
N ARG D 77 -9.71 10.21 -16.19
CA ARG D 77 -8.64 9.34 -15.73
C ARG D 77 -8.84 8.96 -14.27
N LEU D 78 -9.72 9.65 -13.55
CA LEU D 78 -10.17 9.28 -12.23
C LEU D 78 -11.54 8.61 -12.24
N ASP D 79 -12.08 8.36 -13.44
CA ASP D 79 -13.38 7.71 -13.60
C ASP D 79 -14.51 8.51 -12.95
N VAL D 80 -14.38 9.80 -13.07
CA VAL D 80 -15.35 10.66 -12.54
C VAL D 80 -16.37 10.84 -13.60
N PRO D 81 -17.62 10.50 -13.17
CA PRO D 81 -18.68 10.66 -14.15
C PRO D 81 -18.70 11.94 -14.91
N LEU D 82 -19.13 11.84 -16.13
CA LEU D 82 -19.22 12.93 -17.02
C LEU D 82 -20.46 13.78 -16.84
N GLU D 83 -20.94 13.82 -15.62
CA GLU D 83 -22.07 14.67 -15.29
C GLU D 83 -21.83 15.21 -13.89
N ALA D 84 -20.93 14.59 -13.16
CA ALA D 84 -20.62 15.02 -11.83
C ALA D 84 -20.21 16.44 -11.87
N ILE D 85 -19.37 16.62 -12.86
CA ILE D 85 -18.70 17.82 -13.18
C ILE D 85 -19.71 18.85 -13.51
N ASP D 86 -19.92 19.12 -14.79
CA ASP D 86 -20.88 20.07 -15.34
C ASP D 86 -21.70 20.82 -14.33
N ARG D 87 -22.06 20.12 -13.27
CA ARG D 87 -22.81 20.62 -12.12
C ARG D 87 -21.78 21.27 -11.24
N LEU D 88 -20.55 20.92 -11.48
CA LEU D 88 -19.41 21.56 -10.84
C LEU D 88 -18.91 22.76 -11.62
N LYS D 89 -19.50 22.86 -12.81
CA LYS D 89 -19.27 23.85 -13.82
C LYS D 89 -20.08 25.05 -13.45
N ARG D 90 -21.28 25.18 -13.97
CA ARG D 90 -22.05 26.37 -13.62
C ARG D 90 -22.43 26.51 -12.17
N ASP D 91 -22.07 25.56 -11.32
CA ASP D 91 -22.42 25.69 -9.91
C ASP D 91 -21.32 26.42 -9.26
N GLY D 92 -20.23 25.70 -9.10
CA GLY D 92 -19.00 26.17 -8.53
C GLY D 92 -18.39 25.99 -9.84
N ALA D 93 -17.12 25.70 -10.04
CA ALA D 93 -16.14 25.48 -9.07
C ALA D 93 -15.11 24.53 -9.64
N LEU D 94 -15.12 24.35 -10.94
CA LEU D 94 -14.19 23.50 -11.65
C LEU D 94 -12.90 24.24 -11.86
N ASP D 95 -13.02 25.53 -11.95
CA ASP D 95 -11.90 26.40 -12.15
C ASP D 95 -11.73 27.40 -10.98
N ASP D 96 -11.37 26.87 -9.84
CA ASP D 96 -11.09 27.60 -8.65
C ASP D 96 -10.17 26.64 -8.06
N PRO D 97 -8.99 27.09 -7.86
CA PRO D 97 -7.92 26.23 -7.43
C PRO D 97 -7.76 25.91 -5.99
N GLN D 98 -8.75 26.19 -5.18
CA GLN D 98 -8.58 25.82 -3.79
C GLN D 98 -9.79 25.07 -3.31
N ARG D 99 -10.84 25.20 -4.07
CA ARG D 99 -12.02 24.50 -3.75
C ARG D 99 -12.12 23.24 -4.57
N LEU D 100 -11.09 22.94 -5.34
CA LEU D 100 -11.06 21.69 -6.09
C LEU D 100 -9.92 20.88 -5.61
N ARG D 101 -9.10 21.44 -4.77
CA ARG D 101 -8.09 20.69 -4.09
C ARG D 101 -8.80 20.10 -2.85
N HIS D 102 -9.97 20.62 -2.53
CA HIS D 102 -10.79 20.22 -1.48
C HIS D 102 -11.31 18.98 -2.02
N PHE D 103 -12.03 19.11 -3.11
CA PHE D 103 -12.60 18.01 -3.84
C PHE D 103 -11.61 16.92 -3.95
N LEU D 104 -10.59 17.11 -4.73
CA LEU D 104 -9.60 16.10 -4.88
C LEU D 104 -9.07 15.58 -3.58
N GLN D 105 -9.13 16.35 -2.50
CA GLN D 105 -8.56 15.88 -1.24
C GLN D 105 -9.42 14.85 -0.59
N ARG D 106 -10.71 15.04 -0.74
CA ARG D 106 -11.68 14.12 -0.23
C ARG D 106 -11.46 12.94 -1.09
N HIS D 107 -12.08 12.90 -2.26
CA HIS D 107 -11.92 11.84 -3.25
C HIS D 107 -10.67 11.06 -3.18
N GLN D 108 -9.64 11.65 -2.66
CA GLN D 108 -8.39 10.99 -2.49
C GLN D 108 -8.36 10.35 -1.15
N HIS D 109 -9.31 10.66 -0.29
CA HIS D 109 -9.38 10.09 1.01
C HIS D 109 -10.15 8.89 0.80
N THR D 110 -11.32 9.04 0.28
CA THR D 110 -12.11 7.83 0.11
C THR D 110 -11.42 6.84 -0.83
N LEU D 111 -10.54 7.31 -1.71
CA LEU D 111 -9.75 6.39 -2.53
C LEU D 111 -8.82 5.57 -1.66
N ARG D 112 -8.06 6.23 -0.78
CA ARG D 112 -7.22 5.50 0.15
C ARG D 112 -8.02 4.89 1.31
N GLU D 113 -9.27 5.29 1.49
CA GLU D 113 -10.15 4.55 2.40
C GLU D 113 -10.57 3.22 1.79
N GLU D 114 -10.77 3.19 0.49
CA GLU D 114 -11.11 1.92 -0.15
C GLU D 114 -9.92 0.99 -0.26
N ILE D 115 -8.73 1.55 -0.23
CA ILE D 115 -7.50 0.80 -0.34
C ILE D 115 -7.44 0.04 0.94
N SER D 116 -7.54 0.81 1.99
CA SER D 116 -7.51 0.39 3.36
C SER D 116 -8.52 -0.63 3.73
N ALA D 117 -9.72 -0.56 3.19
CA ALA D 117 -10.72 -1.58 3.46
C ALA D 117 -10.09 -2.84 3.04
N ARG D 118 -10.03 -3.04 1.73
CA ARG D 118 -9.41 -4.20 1.13
C ARG D 118 -8.09 -4.49 1.82
N GLN D 119 -7.28 -3.45 1.98
CA GLN D 119 -5.94 -3.46 2.62
C GLN D 119 -5.82 -4.09 4.03
N ARG D 120 -6.90 -4.10 4.80
CA ARG D 120 -7.12 -4.84 6.04
C ARG D 120 -7.97 -6.08 5.83
N LEU D 121 -8.63 -6.18 4.67
CA LEU D 121 -9.34 -7.40 4.32
C LEU D 121 -8.39 -8.46 3.83
N LEU D 122 -7.50 -8.09 2.91
CA LEU D 122 -6.46 -9.00 2.51
C LEU D 122 -5.35 -9.07 3.53
N ALA D 123 -5.49 -8.38 4.66
CA ALA D 123 -4.80 -8.80 5.86
C ALA D 123 -5.62 -9.83 6.61
N GLU D 124 -6.95 -9.76 6.49
CA GLU D 124 -7.83 -10.78 7.07
C GLU D 124 -7.78 -12.06 6.27
N LEU D 125 -7.95 -12.02 4.96
CA LEU D 125 -7.83 -13.29 4.28
C LEU D 125 -6.42 -13.79 4.39
N ASP D 126 -5.44 -13.05 3.90
CA ASP D 126 -4.06 -13.47 4.04
C ASP D 126 -3.67 -13.95 5.44
N ARG D 127 -4.60 -14.04 6.36
CA ARG D 127 -4.34 -14.60 7.69
C ARG D 127 -5.23 -15.86 7.86
N THR D 128 -6.06 -16.10 6.86
CA THR D 128 -6.90 -17.23 6.79
C THR D 128 -6.17 -18.27 5.85
N LEU D 129 -4.95 -17.95 5.43
CA LEU D 129 -4.14 -18.78 4.53
C LEU D 129 -3.59 -19.97 5.22
N ALA D 130 -3.72 -19.90 6.51
CA ALA D 130 -3.40 -20.97 7.45
C ALA D 130 -4.61 -21.63 8.07
N THR D 131 -5.73 -20.95 8.09
CA THR D 131 -6.88 -21.55 8.63
C THR D 131 -7.44 -22.53 7.66
N LEU D 132 -7.18 -22.27 6.39
CA LEU D 132 -7.65 -23.11 5.30
C LEU D 132 -6.98 -24.38 5.43
N ALA D 133 -5.69 -24.29 5.61
CA ALA D 133 -4.91 -25.47 5.77
C ALA D 133 -5.57 -26.39 6.81
N HIS D 134 -5.06 -26.36 8.03
CA HIS D 134 -5.60 -27.14 9.13
C HIS D 134 -7.09 -27.24 9.17
N TRP D 135 -7.57 -28.34 8.66
CA TRP D 135 -8.95 -28.76 8.65
C TRP D 135 -8.87 -30.07 7.92
N ARG D 136 -8.02 -30.14 6.89
CA ARG D 136 -7.80 -31.37 6.21
C ARG D 136 -6.67 -31.92 7.03
N ILE D 137 -5.65 -31.12 7.27
CA ILE D 137 -4.52 -31.61 8.04
C ILE D 137 -4.89 -32.37 9.28
N ARG D 138 -5.95 -31.95 9.90
CA ARG D 138 -6.51 -32.63 11.06
C ARG D 138 -7.41 -33.80 10.67
N ASN D 139 -7.93 -33.74 9.44
CA ASN D 139 -8.82 -34.76 8.83
C ASN D 139 -8.18 -35.47 7.65
N MET D 140 -6.90 -35.68 7.74
CA MET D 140 -6.11 -36.38 6.77
C MET D 140 -6.57 -37.81 6.86
N HIS D 141 -5.62 -38.73 6.76
CA HIS D 141 -5.74 -40.15 7.01
C HIS D 141 -4.35 -40.73 6.98
N ALA D 142 -4.17 -41.81 7.70
CA ALA D 142 -2.88 -42.49 7.78
C ALA D 142 -3.10 -44.00 7.83
N ARG D 143 -2.85 -44.68 6.72
CA ARG D 143 -2.78 -46.13 6.73
C ARG D 143 -1.39 -46.56 7.17
N ILE D 144 -1.24 -47.86 7.43
CA ILE D 144 0.01 -48.43 7.89
C ILE D 144 0.40 -49.54 6.93
N VAL D 145 1.54 -49.38 6.32
CA VAL D 145 2.04 -50.32 5.36
C VAL D 145 3.42 -50.84 5.71
N GLU D 146 3.75 -52.06 5.33
CA GLU D 146 5.09 -52.56 5.56
C GLU D 146 5.46 -53.01 4.21
N ARG D 147 6.62 -52.61 3.72
CA ARG D 147 7.02 -52.96 2.38
C ARG D 147 8.44 -53.39 2.23
N PRO D 148 8.61 -54.37 1.27
CA PRO D 148 9.99 -54.81 1.08
C PRO D 148 10.90 -53.96 0.27
N ALA D 149 12.18 -54.20 0.29
CA ALA D 149 13.03 -53.35 -0.48
C ALA D 149 12.74 -53.36 -1.93
N PHE D 150 12.79 -52.21 -2.57
CA PHE D 150 12.56 -52.14 -3.98
C PHE D 150 13.62 -51.37 -4.65
N SER D 151 13.36 -51.10 -5.92
CA SER D 151 14.22 -50.36 -6.83
C SER D 151 13.41 -49.65 -7.90
N VAL D 152 13.88 -48.49 -8.31
CA VAL D 152 13.31 -47.69 -9.39
C VAL D 152 14.38 -46.77 -9.84
N VAL D 153 14.20 -46.20 -11.00
CA VAL D 153 15.21 -45.34 -11.52
C VAL D 153 14.70 -44.26 -12.44
N GLY D 154 15.50 -43.22 -12.47
CA GLY D 154 15.31 -42.03 -13.24
C GLY D 154 16.58 -41.26 -13.02
N MET D 155 16.40 -39.96 -12.92
CA MET D 155 17.43 -38.95 -12.68
C MET D 155 17.46 -38.53 -11.23
N GLU D 156 18.66 -38.27 -10.73
CA GLU D 156 18.87 -37.78 -9.39
C GLU D 156 19.12 -36.27 -9.43
N TYR D 157 19.53 -35.72 -8.28
CA TYR D 157 19.83 -34.30 -8.18
C TYR D 157 21.34 -34.07 -8.28
N ASP D 164 17.59 -26.26 -8.56
CA ASP D 164 16.78 -27.07 -9.47
C ASP D 164 15.77 -27.89 -8.64
N THR D 165 14.48 -27.56 -8.78
CA THR D 165 13.42 -28.16 -7.99
C THR D 165 12.61 -29.19 -8.78
N ILE D 166 11.34 -29.34 -8.42
CA ILE D 166 10.38 -30.15 -9.17
C ILE D 166 9.85 -29.27 -10.30
N GLY D 167 9.95 -29.77 -11.53
CA GLY D 167 9.65 -28.96 -12.70
C GLY D 167 10.91 -28.71 -13.48
N GLN D 168 12.04 -28.68 -12.78
CA GLN D 168 13.37 -28.56 -13.38
C GLN D 168 13.90 -29.99 -13.63
N LEU D 169 13.28 -30.96 -12.95
CA LEU D 169 13.52 -32.41 -13.03
C LEU D 169 12.19 -33.09 -13.23
N TRP D 170 11.14 -32.58 -12.62
CA TRP D 170 9.85 -33.19 -12.75
C TRP D 170 9.26 -32.92 -14.12
N GLU D 171 10.11 -32.60 -15.07
CA GLU D 171 9.61 -32.28 -16.41
C GLU D 171 10.54 -32.67 -17.53
N ARG D 172 11.81 -32.82 -17.22
CA ARG D 172 12.79 -33.23 -18.19
C ARG D 172 12.33 -34.59 -18.62
N PHE D 173 12.04 -35.36 -17.60
CA PHE D 173 11.58 -36.67 -17.78
C PHE D 173 10.47 -36.83 -18.78
N ILE D 174 9.27 -36.80 -18.27
CA ILE D 174 8.08 -37.16 -19.06
C ILE D 174 8.48 -37.51 -20.49
N PRO D 175 9.36 -36.75 -21.15
CA PRO D 175 9.89 -37.24 -22.44
C PRO D 175 10.87 -38.39 -22.30
N ARG D 176 11.29 -38.74 -21.08
CA ARG D 176 12.21 -39.85 -20.88
C ARG D 176 11.60 -40.95 -20.02
N GLU D 177 10.28 -40.96 -19.86
CA GLU D 177 9.63 -42.03 -19.11
C GLU D 177 9.70 -43.36 -19.85
N HIS D 178 9.71 -43.32 -21.19
CA HIS D 178 9.67 -44.52 -22.00
C HIS D 178 11.03 -45.20 -22.10
N GLU D 179 12.12 -44.49 -21.82
CA GLU D 179 13.45 -45.07 -21.95
C GLU D 179 13.66 -46.25 -20.99
N ILE D 180 12.95 -46.25 -19.88
CA ILE D 180 13.09 -47.28 -18.86
C ILE D 180 12.31 -48.52 -19.28
N ALA D 181 12.75 -49.68 -18.80
CA ALA D 181 12.08 -50.94 -19.08
C ALA D 181 11.91 -51.73 -17.79
N GLY D 182 10.88 -52.52 -17.72
CA GLY D 182 10.74 -53.30 -16.52
C GLY D 182 9.96 -52.57 -15.53
N LYS D 183 9.03 -51.79 -16.05
CA LYS D 183 8.20 -51.01 -15.20
C LYS D 183 7.38 -52.00 -14.44
N HIS D 184 7.09 -51.67 -13.20
CA HIS D 184 6.34 -52.53 -12.36
C HIS D 184 4.90 -52.25 -12.46
N ASP D 185 4.53 -50.97 -12.31
CA ASP D 185 3.15 -50.49 -12.46
C ASP D 185 3.61 -49.27 -13.11
N PRO D 186 2.97 -48.96 -14.29
CA PRO D 186 3.44 -47.72 -14.90
C PRO D 186 2.70 -46.50 -14.45
N GLU D 187 1.54 -46.67 -13.89
CA GLU D 187 0.71 -45.58 -13.39
C GLU D 187 1.21 -44.99 -12.08
N VAL D 188 2.45 -45.30 -11.70
CA VAL D 188 2.94 -45.03 -10.34
C VAL D 188 4.35 -44.48 -10.42
N SER D 189 4.55 -43.26 -9.94
CA SER D 189 5.85 -42.60 -9.95
C SER D 189 6.26 -42.23 -8.52
N TYR D 190 7.57 -42.22 -8.28
CA TYR D 190 8.12 -42.02 -6.95
C TYR D 190 9.09 -40.84 -6.92
N GLY D 191 9.05 -40.09 -5.82
CA GLY D 191 10.04 -39.07 -5.55
C GLY D 191 10.70 -39.32 -4.22
N ILE D 192 11.90 -39.81 -4.32
CA ILE D 192 12.68 -40.21 -3.22
C ILE D 192 13.40 -39.07 -2.67
N CYS D 193 13.62 -39.10 -1.37
CA CYS D 193 14.34 -38.09 -0.67
C CYS D 193 15.33 -38.88 0.12
N ALA D 194 16.51 -38.35 0.34
CA ALA D 194 17.53 -39.07 1.06
C ALA D 194 18.80 -38.28 1.03
N ASN D 198 27.91 -37.25 2.66
CA ASN D 198 27.95 -37.22 4.09
C ASN D 198 26.55 -37.02 4.58
N GLY D 199 25.82 -36.16 3.90
CA GLY D 199 24.48 -35.89 4.30
C GLY D 199 24.06 -34.54 3.82
N GLU D 200 22.93 -34.51 3.12
CA GLU D 200 22.33 -33.31 2.60
C GLU D 200 21.04 -33.80 1.98
N PHE D 201 20.72 -33.31 0.79
CA PHE D 201 19.54 -33.71 0.12
C PHE D 201 19.88 -34.76 -0.85
N HIS D 202 18.91 -35.21 -1.63
CA HIS D 202 19.17 -36.27 -2.60
C HIS D 202 18.02 -36.82 -3.41
N TYR D 203 17.06 -36.00 -3.76
CA TYR D 203 15.93 -36.45 -4.56
C TYR D 203 16.32 -37.29 -5.76
N VAL D 204 15.32 -37.94 -6.35
CA VAL D 204 15.45 -38.76 -7.52
C VAL D 204 14.06 -39.11 -7.84
N ALA D 205 13.60 -38.84 -9.03
CA ALA D 205 12.22 -39.17 -9.37
C ALA D 205 12.23 -40.36 -10.31
N GLY D 206 11.96 -41.53 -9.75
CA GLY D 206 11.92 -42.75 -10.49
C GLY D 206 10.64 -43.50 -10.59
N PHE D 207 10.82 -44.74 -11.03
CA PHE D 207 9.75 -45.66 -11.19
C PHE D 207 10.30 -46.86 -10.56
N GLU D 208 9.38 -47.70 -10.14
CA GLU D 208 9.77 -49.00 -9.61
C GLU D 208 9.96 -49.98 -10.76
N VAL D 209 11.05 -50.73 -10.72
CA VAL D 209 11.40 -51.64 -11.80
C VAL D 209 11.75 -53.01 -11.25
N GLN D 210 11.49 -54.04 -12.07
CA GLN D 210 12.05 -55.35 -11.83
C GLN D 210 13.53 -55.34 -12.18
N GLU D 211 14.34 -56.03 -11.38
CA GLU D 211 15.78 -56.01 -11.59
C GLU D 211 16.19 -57.00 -12.67
N GLY D 212 17.21 -56.63 -13.43
CA GLY D 212 17.63 -57.42 -14.57
C GLY D 212 17.41 -56.69 -15.87
N TRP D 213 17.33 -55.37 -15.80
CA TRP D 213 17.11 -54.53 -16.95
C TRP D 213 18.14 -53.42 -17.00
N PRO D 214 18.31 -52.90 -18.19
CA PRO D 214 19.20 -51.78 -18.44
C PRO D 214 18.60 -50.44 -18.01
N VAL D 215 19.37 -49.68 -17.26
CA VAL D 215 18.91 -48.41 -16.80
C VAL D 215 19.54 -47.51 -17.78
N PRO D 216 18.74 -46.54 -18.33
CA PRO D 216 19.40 -45.68 -19.30
C PRO D 216 20.61 -44.88 -18.86
N GLU D 217 20.82 -43.77 -19.53
CA GLU D 217 21.94 -42.94 -19.22
C GLU D 217 21.49 -41.54 -19.48
N GLY D 218 21.92 -40.60 -18.67
CA GLY D 218 22.70 -40.88 -17.48
C GLY D 218 21.88 -41.19 -16.24
N MET D 219 20.73 -41.80 -16.47
CA MET D 219 19.73 -42.14 -15.49
C MET D 219 20.38 -43.05 -14.57
N VAL D 220 19.79 -43.26 -13.41
CA VAL D 220 20.41 -44.14 -12.45
C VAL D 220 19.44 -44.89 -11.57
N ARG D 221 19.89 -45.90 -10.86
CA ARG D 221 18.96 -46.63 -10.03
C ARG D 221 19.12 -46.38 -8.54
N PHE D 222 18.00 -46.45 -7.81
CA PHE D 222 18.00 -46.27 -6.35
C PHE D 222 17.37 -47.41 -5.61
N GLN D 223 17.99 -47.84 -4.52
CA GLN D 223 17.46 -48.93 -3.70
C GLN D 223 17.04 -48.61 -2.29
N VAL D 224 15.75 -48.41 -2.07
CA VAL D 224 15.23 -48.12 -0.75
C VAL D 224 14.96 -49.42 -0.05
N PRO D 225 15.43 -49.58 1.24
CA PRO D 225 15.17 -50.88 1.84
C PRO D 225 13.83 -51.18 2.38
N ALA D 226 13.72 -52.41 2.83
CA ALA D 226 12.47 -52.88 3.41
C ALA D 226 12.27 -52.23 4.77
N GLN D 227 11.17 -51.49 4.88
CA GLN D 227 10.88 -50.74 6.05
C GLN D 227 9.42 -50.48 6.36
N LYS D 228 9.18 -49.73 7.42
CA LYS D 228 7.86 -49.44 7.98
C LYS D 228 7.31 -48.08 7.68
N TYR D 229 6.19 -48.00 7.00
CA TYR D 229 5.62 -46.73 6.68
C TYR D 229 4.23 -46.43 7.13
N ALA D 230 4.00 -45.15 7.20
CA ALA D 230 2.65 -44.64 7.41
C ALA D 230 2.33 -43.67 6.27
N VAL D 231 1.26 -43.93 5.56
CA VAL D 231 0.85 -43.21 4.36
C VAL D 231 -0.23 -42.16 4.48
N PHE D 232 0.13 -40.92 4.26
CA PHE D 232 -0.82 -39.84 4.36
C PHE D 232 -1.26 -39.32 3.01
N THR D 233 -2.41 -39.74 2.51
CA THR D 233 -2.84 -39.29 1.24
C THR D 233 -3.10 -37.81 1.17
N HIS D 234 -2.07 -36.99 1.04
CA HIS D 234 -2.27 -35.54 0.97
C HIS D 234 -3.16 -35.13 -0.16
N LYS D 235 -3.97 -34.10 0.09
CA LYS D 235 -4.78 -33.55 -1.01
C LYS D 235 -4.40 -32.09 -1.22
N GLY D 236 -3.36 -31.89 -2.01
CA GLY D 236 -2.87 -30.56 -2.31
C GLY D 236 -1.98 -30.59 -3.53
N THR D 237 -1.02 -29.67 -3.57
CA THR D 237 -0.06 -29.57 -4.67
C THR D 237 1.35 -29.80 -4.17
N ALA D 238 2.30 -29.87 -5.11
CA ALA D 238 3.68 -30.25 -4.83
C ALA D 238 4.42 -29.20 -3.99
N PRO D 239 4.26 -27.89 -4.24
CA PRO D 239 4.79 -26.92 -3.28
C PRO D 239 4.08 -26.94 -1.94
N GLN D 240 2.86 -27.47 -1.88
CA GLN D 240 2.08 -27.51 -0.65
C GLN D 240 2.47 -28.66 0.27
N ILE D 241 3.23 -29.65 -0.22
CA ILE D 241 3.54 -30.81 0.59
C ILE D 241 4.56 -30.48 1.68
N ALA D 242 5.46 -29.53 1.41
CA ALA D 242 6.63 -29.33 2.26
C ALA D 242 6.28 -28.90 3.68
N GLU D 243 5.04 -28.46 3.93
CA GLU D 243 4.61 -28.15 5.28
C GLU D 243 3.55 -29.11 5.81
N SER D 244 2.82 -29.80 4.92
CA SER D 244 2.16 -31.03 5.33
C SER D 244 3.19 -32.08 5.72
N PHE D 245 4.30 -32.15 4.97
CA PHE D 245 5.43 -32.96 5.38
C PHE D 245 6.05 -32.43 6.67
N GLN D 246 6.00 -31.10 6.88
CA GLN D 246 6.46 -30.55 8.15
C GLN D 246 5.51 -30.90 9.28
N ALA D 247 4.21 -30.98 9.00
CA ALA D 247 3.24 -31.20 10.07
C ALA D 247 3.32 -32.62 10.62
N ILE D 248 3.60 -33.60 9.77
CA ILE D 248 3.46 -35.00 10.15
C ILE D 248 4.56 -35.41 11.12
N TYR D 249 5.82 -35.07 10.82
CA TYR D 249 6.90 -35.29 11.77
C TYR D 249 6.90 -34.30 12.93
N SER D 250 6.17 -33.19 12.82
CA SER D 250 6.08 -32.25 13.92
C SER D 250 5.30 -32.84 15.08
N HIS D 251 4.03 -33.18 14.85
CA HIS D 251 3.19 -33.71 15.91
C HIS D 251 2.31 -34.89 15.51
N LEU D 252 1.93 -35.03 14.24
CA LEU D 252 0.95 -36.04 13.86
C LEU D 252 1.40 -37.45 14.24
N LEU D 253 2.70 -37.72 14.20
CA LEU D 253 3.18 -39.02 14.67
C LEU D 253 3.05 -39.15 16.18
N ALA D 254 3.15 -38.04 16.90
CA ALA D 254 2.94 -38.08 18.35
C ALA D 254 1.47 -38.21 18.70
N GLU D 255 0.58 -37.59 17.92
CA GLU D 255 -0.85 -37.76 18.15
C GLU D 255 -1.29 -39.19 17.85
N ARG D 256 -0.80 -39.76 16.75
CA ARG D 256 -1.13 -41.12 16.38
C ARG D 256 -0.24 -42.15 17.08
N GLY D 257 0.75 -41.66 17.77
CA GLY D 257 1.64 -42.46 18.55
C GLY D 257 2.77 -43.13 17.86
N LEU D 258 2.90 -42.91 16.58
CA LEU D 258 3.95 -43.56 15.80
C LEU D 258 5.26 -42.86 16.01
N GLU D 259 6.35 -43.42 15.57
CA GLU D 259 7.64 -42.83 15.75
C GLU D 259 8.42 -43.15 14.51
N PRO D 260 9.40 -42.36 14.15
CA PRO D 260 10.14 -42.63 12.91
C PRO D 260 11.50 -43.28 13.18
N LYS D 261 11.96 -44.03 12.19
CA LYS D 261 13.30 -44.61 12.20
C LYS D 261 14.16 -43.97 11.13
N ALA D 262 15.46 -43.89 11.40
CA ALA D 262 16.40 -43.30 10.47
C ALA D 262 16.53 -44.14 9.21
N GLY D 263 15.67 -43.88 8.21
CA GLY D 263 15.71 -44.62 6.97
C GLY D 263 15.58 -43.73 5.76
N VAL D 264 14.71 -44.11 4.82
CA VAL D 264 14.51 -43.39 3.57
C VAL D 264 13.02 -43.17 3.37
N ASP D 265 12.60 -41.93 3.10
CA ASP D 265 11.20 -41.64 2.87
C ASP D 265 10.97 -41.18 1.48
N PHE D 266 9.72 -41.08 1.07
CA PHE D 266 9.41 -40.72 -0.28
C PHE D 266 7.97 -40.34 -0.51
N GLU D 267 7.64 -39.95 -1.71
CA GLU D 267 6.27 -39.62 -2.03
C GLU D 267 5.78 -40.36 -3.22
N TYR D 268 4.54 -40.77 -3.16
CA TYR D 268 3.89 -41.65 -4.09
C TYR D 268 2.87 -41.07 -5.00
N TYR D 269 3.08 -41.18 -6.29
CA TYR D 269 2.14 -40.68 -7.24
C TYR D 269 1.42 -41.86 -7.80
N ASP D 270 0.15 -41.69 -8.10
CA ASP D 270 -0.72 -42.79 -8.49
C ASP D 270 -1.74 -42.26 -9.50
N GLN D 271 -2.83 -43.01 -9.68
CA GLN D 271 -4.01 -42.47 -10.36
C GLN D 271 -4.53 -41.24 -9.64
N ARG D 272 -4.20 -41.09 -8.34
CA ARG D 272 -4.54 -39.88 -7.60
C ARG D 272 -3.95 -38.65 -8.26
N PHE D 273 -2.61 -38.60 -8.35
CA PHE D 273 -1.91 -37.40 -8.80
C PHE D 273 -2.40 -36.94 -10.17
N ARG D 274 -2.62 -35.63 -10.29
CA ARG D 274 -3.09 -35.02 -11.53
C ARG D 274 -2.18 -33.93 -12.06
N GLY D 275 -1.45 -33.22 -11.20
CA GLY D 275 -0.58 -32.15 -11.63
C GLY D 275 0.17 -31.52 -10.48
N PRO D 276 1.44 -31.15 -10.71
CA PRO D 276 2.27 -30.62 -9.60
C PRO D 276 1.77 -29.31 -9.02
N LEU D 277 0.97 -28.55 -9.78
CA LEU D 277 0.29 -27.37 -9.23
C LEU D 277 -1.22 -27.51 -9.35
N ASP D 278 -1.70 -28.69 -9.68
CA ASP D 278 -3.13 -29.00 -9.65
C ASP D 278 -3.59 -29.13 -8.20
N PRO D 279 -4.49 -28.27 -7.72
CA PRO D 279 -4.90 -28.33 -6.31
C PRO D 279 -5.61 -29.62 -5.92
N ASN D 280 -6.62 -30.02 -6.69
CA ASN D 280 -7.52 -31.12 -6.36
C ASN D 280 -7.00 -32.40 -7.03
N SER D 281 -6.13 -33.13 -6.32
CA SER D 281 -5.51 -34.29 -6.95
C SER D 281 -5.17 -35.41 -5.98
N GLN D 282 -5.00 -35.07 -4.69
CA GLN D 282 -4.46 -35.93 -3.63
C GLN D 282 -3.19 -36.70 -4.01
N VAL D 283 -2.16 -36.60 -3.16
CA VAL D 283 -0.93 -37.36 -3.30
C VAL D 283 -0.57 -37.97 -1.95
N ASP D 284 0.04 -39.15 -1.94
CA ASP D 284 0.43 -39.90 -0.74
C ASP D 284 1.84 -39.83 -0.38
N LEU D 285 2.12 -39.82 0.89
CA LEU D 285 3.46 -39.69 1.38
C LEU D 285 3.90 -40.73 2.37
N TYR D 286 5.05 -41.32 2.14
CA TYR D 286 5.53 -42.36 2.98
C TYR D 286 6.65 -41.96 3.90
N ILE D 287 6.44 -42.07 5.19
CA ILE D 287 7.44 -41.74 6.19
C ILE D 287 7.74 -42.95 7.07
N PRO D 288 9.00 -43.20 7.38
CA PRO D 288 9.38 -44.36 8.21
C PRO D 288 8.75 -44.33 9.60
N ILE D 289 8.31 -45.50 10.07
CA ILE D 289 7.66 -45.71 11.36
C ILE D 289 8.42 -46.80 12.13
N TYR D 290 8.48 -46.67 13.46
CA TYR D 290 8.90 -47.79 14.30
C TYR D 290 7.77 -48.80 14.46
#